data_8Y2N
#
_entry.id   8Y2N
#
_cell.length_a   1.00
_cell.length_b   1.00
_cell.length_c   1.00
_cell.angle_alpha   90.00
_cell.angle_beta   90.00
_cell.angle_gamma   90.00
#
_symmetry.space_group_name_H-M   'P 1'
#
loop_
_entity.id
_entity.type
_entity.pdbx_description
1 polymer 'Ceramide synthase LAC1'
2 polymer 'Ceramide synthase subunit LIP1'
3 non-polymer '(4S,7R)-4-HYDROXY-N,N,N-TRIMETHYL-9-OXO-7-[(PALMITOYLOXY)METHYL]-3,5,8-TRIOXA-4-PHOSPHAHEXACOSAN-1-AMINIUM 4-OXIDE'
#
loop_
_entity_poly.entity_id
_entity_poly.type
_entity_poly.pdbx_seq_one_letter_code
_entity_poly.pdbx_strand_id
1 'polypeptide(L)'
;MSTIKPSPSNNNLKVRSRPRRKSSIGKIDLGDTVPSLGTMFETKESKTAAKRRMQRLSEATKNDSDLVKKIWFSFREISY
RHAWIAPLMILIAVYSAYFTSGNTTKTNVLHRFVAVSYQIGDTNAYGKGINDLCFVFYYMIFFTFLREFLMDVVIRPFAI
RLHVTSKHRIKRIMEQMYAIFYTGVSGPFGIYCMYHSDLWFFNTKAMYRTYPDFTNPFLFKVFYLGQAAFWAQQACILVL
QLEKPRKDHNELTFHHIVTLLLIWSSYVFHFTKMGLPIYITMDVSDFLLSFSKTLNYLDSGLAFFSFAIFVVAWIYLRHY
INLKILWSVLTQFRTEGNYVLNFATQQYKCWISLPIVFVLIGALQLVNLYWLFLIFRVLYRILWRGILKDDRSDSESDEE
SDESSTTPTDSTPTKKDILEDYKDDDDK
;
A,C
2 'polypeptide(L)'
;MSQPTPIITTKSAAKPKPKIFNLFRVCFISLLLIAAVEYFKYGTRINYEWFHCTPIKEPQSGSVIKLWARGGPSCDKRGE
YKTIVKRITRDYEPNDEHLSFCIIENDNVPPVHYPIHEDKGEPGYVAYVGYDTDSELVQELCADSTIYHM
;
B,D
#
loop_
_chem_comp.id
_chem_comp.type
_chem_comp.name
_chem_comp.formula
6PL non-polymer '(4S,7R)-4-HYDROXY-N,N,N-TRIMETHYL-9-OXO-7-[(PALMITOYLOXY)METHYL]-3,5,8-TRIOXA-4-PHOSPHAHEXACOSAN-1-AMINIUM 4-OXIDE' 'C42 H85 N O8 P 1'
#
# COMPACT_ATOMS: atom_id res chain seq x y z
N ILE A 71 -48.50 0.21 0.63
CA ILE A 71 -48.42 -0.22 2.03
C ILE A 71 -47.11 -0.96 2.25
N TRP A 72 -46.35 -0.49 3.24
CA TRP A 72 -44.94 -0.83 3.47
C TRP A 72 -44.68 -2.33 3.33
N PHE A 73 -45.19 -3.19 4.21
CA PHE A 73 -44.83 -4.60 4.09
C PHE A 73 -45.87 -5.42 3.34
N SER A 74 -47.10 -4.92 3.20
CA SER A 74 -47.98 -5.49 2.19
C SER A 74 -47.32 -5.41 0.82
N PHE A 75 -46.69 -4.28 0.52
CA PHE A 75 -45.98 -4.17 -0.75
C PHE A 75 -44.63 -4.87 -0.71
N ARG A 76 -44.04 -5.08 0.47
CA ARG A 76 -42.88 -5.97 0.48
C ARG A 76 -43.30 -7.37 0.05
N GLU A 77 -44.47 -7.78 0.51
CA GLU A 77 -45.03 -9.08 0.16
C GLU A 77 -45.29 -9.12 -1.34
N ILE A 78 -45.93 -8.08 -1.88
CA ILE A 78 -46.20 -8.04 -3.31
C ILE A 78 -44.90 -8.06 -4.10
N SER A 79 -43.81 -7.55 -3.52
CA SER A 79 -42.50 -7.70 -4.14
C SER A 79 -42.05 -9.15 -4.10
N TYR A 80 -42.46 -9.86 -3.06
CA TYR A 80 -42.14 -11.28 -2.95
C TYR A 80 -42.90 -12.01 -4.06
N ARG A 81 -44.01 -11.41 -4.47
CA ARG A 81 -44.84 -11.96 -5.53
C ARG A 81 -44.32 -11.52 -6.90
N HIS A 82 -43.58 -10.42 -6.93
CA HIS A 82 -43.02 -9.89 -8.18
C HIS A 82 -41.65 -9.30 -7.83
N ALA A 83 -40.60 -10.12 -7.99
CA ALA A 83 -39.27 -9.79 -7.51
C ALA A 83 -38.69 -8.55 -8.19
N TRP A 84 -38.97 -8.40 -9.47
CA TRP A 84 -38.34 -7.35 -10.29
C TRP A 84 -38.82 -5.95 -9.95
N ILE A 85 -39.85 -5.83 -9.12
CA ILE A 85 -40.53 -4.55 -8.98
C ILE A 85 -39.64 -3.47 -8.36
N ALA A 86 -38.84 -3.79 -7.34
CA ALA A 86 -37.96 -2.79 -6.76
C ALA A 86 -36.89 -2.30 -7.73
N PRO A 87 -36.17 -3.17 -8.44
CA PRO A 87 -35.27 -2.66 -9.49
C PRO A 87 -35.98 -1.85 -10.54
N LEU A 88 -37.20 -2.24 -10.92
CA LEU A 88 -37.92 -1.42 -11.89
C LEU A 88 -38.22 -0.04 -11.33
N MET A 89 -38.52 0.02 -10.04
CA MET A 89 -38.81 1.28 -9.38
C MET A 89 -37.58 2.19 -9.39
N ILE A 90 -36.41 1.61 -9.10
CA ILE A 90 -35.17 2.38 -9.09
C ILE A 90 -34.85 2.89 -10.49
N LEU A 91 -34.94 2.00 -11.48
CA LEU A 91 -34.67 2.40 -12.86
C LEU A 91 -35.61 3.50 -13.33
N ILE A 92 -36.91 3.34 -13.05
CA ILE A 92 -37.86 4.32 -13.57
C ILE A 92 -37.65 5.65 -12.88
N ALA A 93 -37.29 5.65 -11.59
CA ALA A 93 -37.02 6.90 -10.90
C ALA A 93 -35.80 7.60 -11.51
N VAL A 94 -34.71 6.86 -11.72
CA VAL A 94 -33.50 7.48 -12.25
C VAL A 94 -33.73 7.98 -13.67
N TYR A 95 -34.36 7.17 -14.51
CA TYR A 95 -34.63 7.59 -15.88
C TYR A 95 -35.55 8.80 -15.91
N SER A 96 -36.56 8.82 -15.03
CA SER A 96 -37.48 9.94 -14.99
C SER A 96 -36.76 11.21 -14.58
N ALA A 97 -35.89 11.12 -13.57
CA ALA A 97 -35.13 12.29 -13.14
C ALA A 97 -34.23 12.79 -14.27
N TYR A 98 -33.60 11.87 -14.99
CA TYR A 98 -32.68 12.29 -16.05
C TYR A 98 -33.42 12.89 -17.23
N PHE A 99 -34.60 12.37 -17.57
CA PHE A 99 -35.27 12.81 -18.77
C PHE A 99 -36.18 14.02 -18.55
N THR A 100 -36.75 14.17 -17.35
CA THR A 100 -37.57 15.35 -17.10
C THR A 100 -36.71 16.58 -16.84
N SER A 101 -35.43 16.39 -16.54
CA SER A 101 -34.55 17.50 -16.23
C SER A 101 -34.33 18.39 -17.44
N GLY A 102 -34.62 17.87 -18.63
CA GLY A 102 -34.46 18.65 -19.84
C GLY A 102 -33.03 18.68 -20.35
N ASN A 103 -32.09 19.07 -19.50
CA ASN A 103 -30.68 19.18 -19.88
C ASN A 103 -30.05 17.80 -19.98
N THR A 104 -30.58 16.98 -20.89
CA THR A 104 -30.03 15.66 -21.17
C THR A 104 -28.71 15.90 -21.90
N THR A 105 -27.70 16.32 -21.14
CA THR A 105 -26.42 16.73 -21.72
C THR A 105 -25.35 15.78 -21.23
N LYS A 106 -24.10 16.06 -21.60
CA LYS A 106 -23.00 15.24 -21.15
C LYS A 106 -22.67 15.48 -19.69
N THR A 107 -23.27 16.51 -19.08
CA THR A 107 -22.98 16.90 -17.68
C THR A 107 -24.13 16.52 -16.76
N ASN A 108 -24.21 17.13 -15.58
CA ASN A 108 -25.22 16.75 -14.59
C ASN A 108 -24.61 15.56 -13.86
N VAL A 109 -25.42 14.58 -13.45
CA VAL A 109 -24.78 13.42 -12.84
C VAL A 109 -25.36 12.20 -13.53
N LEU A 110 -26.70 12.21 -13.63
CA LEU A 110 -27.41 11.05 -14.14
C LEU A 110 -26.91 10.67 -15.52
N HIS A 111 -26.34 11.63 -16.26
CA HIS A 111 -25.71 11.27 -17.51
C HIS A 111 -24.58 10.27 -17.29
N ARG A 112 -23.68 10.57 -16.36
CA ARG A 112 -22.59 9.63 -16.12
C ARG A 112 -23.14 8.31 -15.63
N PHE A 113 -24.34 8.32 -15.04
CA PHE A 113 -24.87 7.04 -14.59
C PHE A 113 -25.58 6.25 -15.67
N VAL A 114 -26.15 6.89 -16.69
CA VAL A 114 -27.05 6.19 -17.60
C VAL A 114 -26.61 6.30 -19.04
N ALA A 115 -25.37 6.69 -19.28
CA ALA A 115 -24.88 6.75 -20.66
C ALA A 115 -23.36 6.60 -20.72
N VAL A 116 -22.84 6.14 -21.85
CA VAL A 116 -21.39 6.00 -21.99
C VAL A 116 -20.79 7.40 -22.05
N SER A 117 -19.76 7.62 -21.25
CA SER A 117 -19.19 8.95 -21.10
C SER A 117 -17.82 8.99 -21.75
N TYR A 118 -17.13 10.12 -21.65
CA TYR A 118 -15.78 10.31 -22.18
C TYR A 118 -15.74 10.29 -23.70
N GLN A 119 -16.73 10.87 -24.35
CA GLN A 119 -16.69 11.01 -25.81
C GLN A 119 -15.55 11.92 -26.22
N ILE A 120 -14.70 11.48 -27.14
CA ILE A 120 -13.57 12.30 -27.55
C ILE A 120 -14.05 13.37 -28.51
N GLY A 121 -14.09 14.61 -28.02
CA GLY A 121 -14.59 15.73 -28.81
C GLY A 121 -16.02 15.54 -29.23
N ASP A 122 -16.28 15.63 -30.53
CA ASP A 122 -17.60 15.33 -31.06
C ASP A 122 -17.41 14.25 -32.12
N THR A 123 -16.68 13.20 -31.76
CA THR A 123 -16.36 12.14 -32.69
C THR A 123 -16.99 10.84 -32.19
N ASN A 124 -16.98 9.79 -33.01
CA ASN A 124 -17.42 8.49 -32.55
C ASN A 124 -16.22 7.75 -31.98
N ALA A 125 -15.78 8.17 -30.79
CA ALA A 125 -14.65 7.53 -30.11
C ALA A 125 -14.73 7.90 -28.64
N TYR A 126 -14.74 6.90 -27.78
CA TYR A 126 -15.02 7.09 -26.36
C TYR A 126 -13.85 6.59 -25.52
N GLY A 127 -13.51 7.32 -24.47
CA GLY A 127 -12.39 6.98 -23.62
C GLY A 127 -12.75 6.09 -22.45
N LYS A 128 -11.95 6.12 -21.39
CA LYS A 128 -12.17 5.27 -20.23
C LYS A 128 -12.07 6.11 -18.97
N GLY A 129 -12.77 5.68 -17.93
CA GLY A 129 -12.70 6.38 -16.67
C GLY A 129 -13.61 5.78 -15.63
N ILE A 130 -13.74 6.49 -14.51
CA ILE A 130 -14.61 6.03 -13.42
C ILE A 130 -16.08 6.02 -13.80
N ASN A 131 -16.50 6.90 -14.70
CA ASN A 131 -17.88 6.86 -15.16
C ASN A 131 -18.23 5.53 -15.81
N ASP A 132 -17.23 4.79 -16.31
CA ASP A 132 -17.47 3.43 -16.76
C ASP A 132 -17.92 2.55 -15.62
N LEU A 133 -17.30 2.69 -14.45
CA LEU A 133 -17.76 1.95 -13.27
C LEU A 133 -19.17 2.35 -12.90
N CYS A 134 -19.49 3.65 -12.99
CA CYS A 134 -20.86 4.06 -12.68
C CYS A 134 -21.85 3.43 -13.66
N PHE A 135 -21.53 3.42 -14.94
CA PHE A 135 -22.37 2.79 -15.95
C PHE A 135 -22.55 1.30 -15.70
N VAL A 136 -21.46 0.60 -15.37
CA VAL A 136 -21.55 -0.82 -15.12
C VAL A 136 -22.44 -1.09 -13.92
N PHE A 137 -22.30 -0.31 -12.85
CA PHE A 137 -23.18 -0.47 -11.69
C PHE A 137 -24.64 -0.27 -12.07
N TYR A 138 -24.93 0.82 -12.79
CA TYR A 138 -26.33 1.08 -13.10
C TYR A 138 -26.94 0.00 -13.97
N TYR A 139 -26.20 -0.52 -14.93
CA TYR A 139 -26.82 -1.57 -15.73
C TYR A 139 -26.69 -2.95 -15.11
N MET A 140 -25.89 -3.12 -14.06
CA MET A 140 -26.12 -4.26 -13.18
C MET A 140 -27.52 -4.18 -12.58
N ILE A 141 -27.91 -3.00 -12.11
CA ILE A 141 -29.26 -2.85 -11.58
C ILE A 141 -30.29 -3.17 -12.67
N PHE A 142 -30.07 -2.62 -13.87
CA PHE A 142 -30.96 -2.91 -14.98
C PHE A 142 -31.09 -4.40 -15.28
N PHE A 143 -29.96 -5.11 -15.39
CA PHE A 143 -30.01 -6.52 -15.74
C PHE A 143 -30.63 -7.35 -14.62
N THR A 144 -30.44 -6.94 -13.37
CA THR A 144 -31.17 -7.59 -12.28
C THR A 144 -32.66 -7.42 -12.43
N PHE A 145 -33.14 -6.24 -12.80
CA PHE A 145 -34.55 -6.14 -13.15
C PHE A 145 -34.94 -7.05 -14.30
N LEU A 146 -34.17 -7.01 -15.38
CA LEU A 146 -34.58 -7.70 -16.60
C LEU A 146 -34.64 -9.20 -16.39
N ARG A 147 -33.66 -9.76 -15.68
CA ARG A 147 -33.64 -11.20 -15.47
C ARG A 147 -34.94 -11.67 -14.81
N GLU A 148 -35.30 -11.05 -13.69
CA GLU A 148 -36.50 -11.47 -12.96
C GLU A 148 -37.76 -11.22 -13.78
N PHE A 149 -37.88 -10.01 -14.35
CA PHE A 149 -39.11 -9.68 -15.06
C PHE A 149 -39.31 -10.58 -16.26
N LEU A 150 -38.30 -10.68 -17.12
CA LEU A 150 -38.42 -11.58 -18.25
C LEU A 150 -38.68 -12.99 -17.76
N MET A 151 -37.86 -13.48 -16.84
CA MET A 151 -37.97 -14.84 -16.33
C MET A 151 -39.42 -15.17 -16.03
N ASP A 152 -40.00 -14.53 -15.01
CA ASP A 152 -41.36 -14.92 -14.65
C ASP A 152 -42.31 -14.59 -15.79
N VAL A 153 -42.50 -13.31 -16.09
CA VAL A 153 -43.68 -12.90 -16.84
C VAL A 153 -43.67 -13.47 -18.26
N VAL A 154 -42.50 -13.58 -18.88
CA VAL A 154 -42.51 -14.17 -20.21
C VAL A 154 -42.31 -15.67 -20.16
N ILE A 155 -41.25 -16.17 -19.51
CA ILE A 155 -40.99 -17.58 -19.70
C ILE A 155 -42.02 -18.45 -19.00
N ARG A 156 -42.34 -18.18 -17.72
CA ARG A 156 -43.18 -19.16 -17.03
C ARG A 156 -44.54 -19.32 -17.71
N PRO A 157 -45.25 -18.26 -18.07
CA PRO A 157 -46.47 -18.45 -18.87
C PRO A 157 -46.19 -19.19 -20.17
N PHE A 158 -45.08 -18.90 -20.84
CA PHE A 158 -44.71 -19.65 -22.03
C PHE A 158 -44.32 -21.08 -21.67
N ALA A 159 -43.56 -21.24 -20.58
CA ALA A 159 -42.99 -22.54 -20.27
C ALA A 159 -44.00 -23.51 -19.68
N ILE A 160 -45.18 -23.03 -19.28
CA ILE A 160 -46.23 -23.94 -18.83
C ILE A 160 -47.48 -23.71 -19.68
N ARG A 161 -47.35 -22.87 -20.71
CA ARG A 161 -48.47 -22.58 -21.58
C ARG A 161 -48.79 -23.72 -22.52
N LEU A 162 -47.79 -24.58 -22.68
CA LEU A 162 -47.86 -25.79 -23.48
C LEU A 162 -47.56 -26.86 -22.46
N HIS A 163 -46.85 -26.49 -21.40
CA HIS A 163 -46.54 -27.44 -20.33
C HIS A 163 -45.33 -28.30 -20.42
N VAL A 164 -44.71 -28.48 -19.27
CA VAL A 164 -43.58 -29.36 -18.99
C VAL A 164 -43.71 -29.71 -17.53
N THR A 165 -44.72 -30.49 -17.23
CA THR A 165 -45.00 -30.88 -15.87
C THR A 165 -43.90 -31.66 -15.13
N SER A 166 -43.22 -30.97 -14.25
CA SER A 166 -42.20 -31.55 -13.44
C SER A 166 -42.10 -30.48 -12.39
N LYS A 167 -40.88 -29.98 -12.20
CA LYS A 167 -40.59 -28.94 -11.23
C LYS A 167 -39.20 -28.50 -11.62
N HIS A 168 -38.21 -29.30 -11.25
CA HIS A 168 -36.86 -29.00 -11.68
C HIS A 168 -36.80 -28.90 -13.19
N ARG A 169 -37.64 -29.68 -13.87
CA ARG A 169 -37.80 -29.55 -15.30
C ARG A 169 -38.17 -28.11 -15.65
N ILE A 170 -39.15 -27.53 -14.96
CA ILE A 170 -39.57 -26.17 -15.27
C ILE A 170 -38.52 -25.15 -14.84
N LYS A 171 -37.79 -25.47 -13.77
CA LYS A 171 -36.74 -24.60 -13.29
C LYS A 171 -35.63 -24.46 -14.35
N ARG A 172 -35.28 -25.57 -14.98
CA ARG A 172 -34.25 -25.57 -16.01
C ARG A 172 -34.78 -25.01 -17.32
N ILE A 173 -36.05 -25.27 -17.63
CA ILE A 173 -36.62 -24.63 -18.82
C ILE A 173 -36.54 -23.12 -18.72
N MET A 174 -37.00 -22.54 -17.61
CA MET A 174 -37.00 -21.09 -17.54
C MET A 174 -35.59 -20.52 -17.55
N GLU A 175 -34.66 -21.16 -16.83
CA GLU A 175 -33.28 -20.67 -16.82
C GLU A 175 -32.65 -20.74 -18.22
N GLN A 176 -32.87 -21.84 -18.95
CA GLN A 176 -32.25 -21.98 -20.26
C GLN A 176 -32.96 -21.13 -21.30
N MET A 177 -34.26 -20.87 -21.14
CA MET A 177 -34.92 -19.89 -21.99
C MET A 177 -34.33 -18.51 -21.80
N TYR A 178 -34.07 -18.12 -20.55
CA TYR A 178 -33.40 -16.83 -20.38
C TYR A 178 -32.02 -16.87 -21.02
N ALA A 179 -31.33 -17.99 -20.89
CA ALA A 179 -30.02 -18.13 -21.52
C ALA A 179 -30.10 -17.86 -23.01
N ILE A 180 -31.02 -18.55 -23.69
CA ILE A 180 -31.14 -18.35 -25.13
C ILE A 180 -31.56 -16.93 -25.45
N PHE A 181 -32.39 -16.31 -24.60
CA PHE A 181 -32.79 -14.95 -24.91
C PHE A 181 -31.61 -14.00 -24.89
N TYR A 182 -30.85 -13.97 -23.79
CA TYR A 182 -29.81 -12.95 -23.76
C TYR A 182 -28.71 -13.29 -24.74
N THR A 183 -28.44 -14.57 -24.97
CA THR A 183 -27.41 -14.90 -25.93
C THR A 183 -27.84 -14.60 -27.36
N GLY A 184 -29.12 -14.77 -27.68
CA GLY A 184 -29.58 -14.40 -29.00
C GLY A 184 -29.60 -12.91 -29.19
N VAL A 185 -29.68 -12.15 -28.10
CA VAL A 185 -29.54 -10.70 -28.21
C VAL A 185 -28.07 -10.31 -28.38
N SER A 186 -27.20 -10.91 -27.57
CA SER A 186 -25.80 -10.51 -27.48
C SER A 186 -24.90 -11.12 -28.55
N GLY A 187 -25.34 -12.14 -29.26
CA GLY A 187 -24.52 -12.73 -30.29
C GLY A 187 -24.55 -11.90 -31.55
N PRO A 188 -25.72 -11.83 -32.19
CA PRO A 188 -25.81 -11.04 -33.42
C PRO A 188 -25.37 -9.61 -33.26
N PHE A 189 -25.57 -9.02 -32.08
CA PHE A 189 -25.03 -7.69 -31.84
C PHE A 189 -23.52 -7.71 -31.88
N GLY A 190 -22.90 -8.76 -31.36
CA GLY A 190 -21.46 -8.89 -31.45
C GLY A 190 -20.99 -9.03 -32.89
N ILE A 191 -21.67 -9.88 -33.67
CA ILE A 191 -21.28 -10.00 -35.07
C ILE A 191 -21.53 -8.70 -35.82
N TYR A 192 -22.54 -7.93 -35.41
CA TYR A 192 -22.76 -6.63 -36.04
C TYR A 192 -21.59 -5.71 -35.77
N CYS A 193 -21.21 -5.58 -34.50
CA CYS A 193 -20.10 -4.72 -34.11
C CYS A 193 -18.78 -5.18 -34.68
N MET A 194 -18.64 -6.47 -34.98
CA MET A 194 -17.47 -6.99 -35.67
C MET A 194 -17.56 -6.83 -37.18
N TYR A 195 -18.77 -6.64 -37.71
CA TYR A 195 -19.00 -6.56 -39.14
C TYR A 195 -18.44 -5.27 -39.74
N HIS A 196 -18.90 -4.12 -39.25
CA HIS A 196 -18.43 -2.86 -39.80
C HIS A 196 -17.14 -2.42 -39.12
N SER A 197 -16.16 -3.31 -39.09
CA SER A 197 -14.84 -2.99 -38.57
C SER A 197 -13.85 -3.92 -39.24
N ASP A 198 -12.57 -3.56 -39.15
CA ASP A 198 -11.53 -4.27 -39.87
C ASP A 198 -11.24 -5.64 -39.26
N LEU A 199 -12.10 -6.12 -38.38
CA LEU A 199 -11.94 -7.41 -37.73
C LEU A 199 -12.58 -8.57 -38.46
N TRP A 200 -13.16 -8.33 -39.63
CA TRP A 200 -14.09 -9.29 -40.23
C TRP A 200 -13.46 -10.65 -40.43
N PHE A 201 -14.21 -11.63 -40.12
CA PHE A 201 -13.73 -12.93 -40.12
C PHE A 201 -12.48 -13.32 -39.51
N PHE A 202 -12.34 -12.86 -38.30
CA PHE A 202 -11.22 -13.10 -37.46
C PHE A 202 -9.99 -12.92 -38.18
N ASN A 203 -9.70 -11.69 -38.44
CA ASN A 203 -8.56 -11.40 -39.18
C ASN A 203 -7.80 -10.75 -38.16
N THR A 204 -7.04 -11.59 -37.45
CA THR A 204 -6.19 -11.17 -36.36
C THR A 204 -5.31 -10.03 -36.80
N LYS A 205 -4.66 -10.19 -37.96
CA LYS A 205 -3.81 -9.10 -38.40
C LYS A 205 -4.39 -7.73 -38.02
N ALA A 206 -5.64 -7.71 -37.56
CA ALA A 206 -6.27 -6.46 -37.17
C ALA A 206 -6.38 -6.25 -35.67
N MET A 207 -6.10 -7.28 -34.87
CA MET A 207 -6.20 -7.13 -33.43
C MET A 207 -4.96 -6.50 -32.82
N TYR A 208 -3.91 -6.30 -33.60
CA TYR A 208 -2.66 -5.74 -33.12
C TYR A 208 -2.14 -4.60 -33.99
N ARG A 209 -2.72 -4.37 -35.16
CA ARG A 209 -2.19 -3.40 -36.10
C ARG A 209 -2.22 -2.00 -35.53
N THR A 210 -3.10 -1.75 -34.56
CA THR A 210 -3.09 -0.51 -33.81
C THR A 210 -3.36 -0.86 -32.34
N TYR A 211 -2.30 -1.11 -31.59
CA TYR A 211 -2.56 -1.77 -30.31
C TYR A 211 -3.13 -0.82 -29.26
N PRO A 212 -2.46 0.28 -28.89
CA PRO A 212 -2.85 0.97 -27.65
C PRO A 212 -4.34 1.25 -27.54
N ASP A 213 -5.04 1.53 -28.64
CA ASP A 213 -6.50 1.55 -28.70
C ASP A 213 -7.13 2.17 -27.46
N PHE A 214 -6.75 3.43 -27.20
CA PHE A 214 -7.29 4.11 -26.03
C PHE A 214 -8.77 4.42 -26.17
N THR A 215 -9.30 4.44 -27.39
CA THR A 215 -10.67 4.87 -27.64
C THR A 215 -11.41 3.79 -28.42
N ASN A 216 -12.66 3.56 -28.05
CA ASN A 216 -13.51 2.60 -28.73
C ASN A 216 -14.66 3.31 -29.42
N PRO A 217 -15.24 2.74 -30.46
CA PRO A 217 -16.44 3.33 -31.05
C PRO A 217 -17.61 3.28 -30.08
N PHE A 218 -18.75 3.84 -30.46
CA PHE A 218 -19.90 3.85 -29.57
C PHE A 218 -20.40 2.43 -29.34
N LEU A 219 -20.79 1.76 -30.43
CA LEU A 219 -21.34 0.41 -30.30
C LEU A 219 -20.38 -0.51 -29.59
N PHE A 220 -19.11 -0.38 -29.92
CA PHE A 220 -18.06 -1.22 -29.33
C PHE A 220 -18.04 -1.09 -27.82
N LYS A 221 -17.94 0.14 -27.33
CA LYS A 221 -17.90 0.40 -25.90
C LYS A 221 -19.19 -0.04 -25.23
N VAL A 222 -20.33 0.25 -25.85
CA VAL A 222 -21.62 -0.12 -25.25
C VAL A 222 -21.73 -1.62 -25.12
N PHE A 223 -21.37 -2.37 -26.16
CA PHE A 223 -21.38 -3.82 -26.07
C PHE A 223 -20.42 -4.32 -25.02
N TYR A 224 -19.24 -3.73 -24.94
CA TYR A 224 -18.22 -4.27 -24.04
C TYR A 224 -18.65 -4.07 -22.59
N LEU A 225 -19.12 -2.86 -22.26
CA LEU A 225 -19.61 -2.60 -20.91
C LEU A 225 -20.94 -3.26 -20.61
N GLY A 226 -21.78 -3.51 -21.62
CA GLY A 226 -22.97 -4.30 -21.38
C GLY A 226 -22.63 -5.72 -20.98
N GLN A 227 -21.69 -6.35 -21.68
CA GLN A 227 -21.22 -7.66 -21.26
C GLN A 227 -20.63 -7.60 -19.86
N ALA A 228 -19.85 -6.57 -19.57
CA ALA A 228 -19.28 -6.44 -18.23
C ALA A 228 -20.37 -6.39 -17.18
N ALA A 229 -21.38 -5.56 -17.39
CA ALA A 229 -22.46 -5.42 -16.43
C ALA A 229 -23.24 -6.73 -16.27
N PHE A 230 -23.55 -7.38 -17.38
CA PHE A 230 -24.34 -8.61 -17.33
C PHE A 230 -23.60 -9.69 -16.55
N TRP A 231 -22.32 -9.91 -16.86
CA TRP A 231 -21.62 -10.97 -16.18
C TRP A 231 -21.30 -10.61 -14.73
N ALA A 232 -21.07 -9.34 -14.42
CA ALA A 232 -20.92 -8.95 -13.03
C ALA A 232 -22.21 -9.22 -12.26
N GLN A 233 -23.35 -8.94 -12.86
CA GLN A 233 -24.62 -9.24 -12.22
C GLN A 233 -24.85 -10.73 -12.05
N GLN A 234 -24.43 -11.54 -13.02
CA GLN A 234 -24.52 -12.99 -12.86
C GLN A 234 -23.69 -13.44 -11.67
N ALA A 235 -22.47 -12.93 -11.54
CA ALA A 235 -21.64 -13.29 -10.40
C ALA A 235 -22.28 -12.82 -9.10
N CYS A 236 -22.88 -11.63 -9.11
CA CYS A 236 -23.55 -11.12 -7.92
C CYS A 236 -24.69 -12.02 -7.50
N ILE A 237 -25.50 -12.48 -8.45
CA ILE A 237 -26.58 -13.41 -8.13
C ILE A 237 -26.02 -14.72 -7.62
N LEU A 238 -24.91 -15.17 -8.19
CA LEU A 238 -24.32 -16.43 -7.79
C LEU A 238 -23.84 -16.41 -6.34
N VAL A 239 -22.92 -15.49 -6.01
CA VAL A 239 -22.34 -15.50 -4.67
C VAL A 239 -23.37 -15.15 -3.61
N LEU A 240 -24.30 -14.25 -3.92
CA LEU A 240 -25.41 -13.96 -3.03
C LEU A 240 -26.40 -15.09 -3.18
N GLN A 241 -26.22 -16.16 -2.40
CA GLN A 241 -27.08 -17.32 -2.51
C GLN A 241 -28.49 -16.97 -2.09
N LEU A 242 -29.37 -16.80 -3.08
CA LEU A 242 -30.78 -16.63 -2.78
C LEU A 242 -31.37 -18.02 -2.60
N GLU A 243 -31.13 -18.88 -3.58
CA GLU A 243 -31.41 -20.31 -3.48
C GLU A 243 -30.24 -21.04 -4.14
N LYS A 244 -29.75 -22.10 -3.50
CA LYS A 244 -28.61 -22.84 -4.04
C LYS A 244 -29.00 -23.95 -5.01
N PRO A 245 -28.61 -23.80 -6.29
CA PRO A 245 -28.94 -24.84 -7.27
C PRO A 245 -28.03 -26.05 -7.16
N ARG A 246 -28.32 -27.03 -8.01
CA ARG A 246 -27.64 -28.33 -8.05
C ARG A 246 -26.13 -28.38 -8.24
N LYS A 247 -25.70 -29.51 -8.78
CA LYS A 247 -24.29 -29.86 -9.00
C LYS A 247 -23.45 -28.79 -9.68
N ASP A 248 -23.97 -28.16 -10.74
CA ASP A 248 -23.10 -27.39 -11.62
C ASP A 248 -22.51 -26.14 -10.96
N HIS A 249 -22.83 -25.89 -9.70
CA HIS A 249 -22.54 -24.62 -9.04
C HIS A 249 -21.11 -24.12 -9.20
N ASN A 250 -20.13 -24.87 -8.71
CA ASN A 250 -18.79 -24.31 -8.52
C ASN A 250 -18.01 -24.12 -9.82
N GLU A 251 -18.21 -25.02 -10.78
CA GLU A 251 -17.57 -24.90 -12.08
C GLU A 251 -18.15 -23.64 -12.71
N LEU A 252 -19.45 -23.45 -12.53
CA LEU A 252 -20.14 -22.26 -13.04
C LEU A 252 -19.57 -20.99 -12.43
N THR A 253 -19.29 -21.02 -11.12
CA THR A 253 -18.60 -19.89 -10.51
C THR A 253 -17.25 -19.65 -11.16
N PHE A 254 -16.50 -20.71 -11.44
CA PHE A 254 -15.21 -20.54 -12.11
C PHE A 254 -15.39 -19.90 -13.48
N HIS A 255 -16.42 -20.33 -14.22
CA HIS A 255 -16.69 -19.72 -15.50
C HIS A 255 -16.98 -18.23 -15.38
N HIS A 256 -17.86 -17.84 -14.47
CA HIS A 256 -18.13 -16.41 -14.31
C HIS A 256 -16.90 -15.64 -13.87
N ILE A 257 -16.09 -16.21 -12.97
CA ILE A 257 -14.88 -15.52 -12.53
C ILE A 257 -13.92 -15.30 -13.70
N VAL A 258 -13.69 -16.32 -14.53
CA VAL A 258 -12.77 -16.13 -15.64
C VAL A 258 -13.36 -15.23 -16.72
N THR A 259 -14.68 -15.24 -16.92
CA THR A 259 -15.28 -14.31 -17.85
C THR A 259 -15.06 -12.88 -17.41
N LEU A 260 -15.26 -12.60 -16.13
CA LEU A 260 -14.97 -11.24 -15.66
C LEU A 260 -13.50 -10.90 -15.73
N LEU A 261 -12.61 -11.85 -15.48
CA LEU A 261 -11.20 -11.52 -15.63
C LEU A 261 -10.87 -11.16 -17.07
N LEU A 262 -11.40 -11.92 -18.03
CA LEU A 262 -11.23 -11.54 -19.44
C LEU A 262 -11.75 -10.14 -19.69
N ILE A 263 -12.99 -9.87 -19.32
CA ILE A 263 -13.61 -8.59 -19.68
C ILE A 263 -12.82 -7.43 -19.08
N TRP A 264 -12.56 -7.51 -17.78
CA TRP A 264 -11.93 -6.40 -17.08
C TRP A 264 -10.49 -6.23 -17.52
N SER A 265 -9.70 -7.30 -17.55
CA SER A 265 -8.30 -7.16 -17.88
C SER A 265 -8.06 -6.87 -19.34
N SER A 266 -9.07 -7.04 -20.20
CA SER A 266 -8.88 -6.62 -21.58
C SER A 266 -9.39 -5.22 -21.84
N TYR A 267 -10.39 -4.76 -21.09
CA TYR A 267 -10.79 -3.37 -21.20
C TYR A 267 -9.80 -2.42 -20.57
N VAL A 268 -9.28 -2.76 -19.38
CA VAL A 268 -8.32 -1.93 -18.69
C VAL A 268 -7.00 -1.81 -19.41
N PHE A 269 -6.49 -2.91 -19.98
CA PHE A 269 -5.19 -2.89 -20.62
C PHE A 269 -5.27 -2.72 -22.13
N HIS A 270 -6.40 -2.25 -22.64
CA HIS A 270 -6.58 -1.81 -24.02
C HIS A 270 -6.57 -2.94 -25.04
N PHE A 271 -6.66 -4.20 -24.60
CA PHE A 271 -6.69 -5.34 -25.53
C PHE A 271 -8.11 -5.66 -25.91
N THR A 272 -8.86 -4.64 -26.32
CA THR A 272 -10.29 -4.83 -26.48
C THR A 272 -10.69 -5.35 -27.84
N LYS A 273 -10.00 -4.96 -28.92
CA LYS A 273 -10.24 -5.58 -30.21
C LYS A 273 -9.97 -7.06 -30.15
N MET A 274 -8.89 -7.47 -29.49
CA MET A 274 -8.57 -8.89 -29.42
C MET A 274 -9.52 -9.61 -28.47
N GLY A 275 -10.28 -8.85 -27.68
CA GLY A 275 -11.26 -9.46 -26.81
C GLY A 275 -12.63 -9.63 -27.43
N LEU A 276 -12.92 -8.87 -28.49
CA LEU A 276 -14.21 -9.02 -29.15
C LEU A 276 -14.47 -10.40 -29.75
N PRO A 277 -13.58 -10.98 -30.57
CA PRO A 277 -13.89 -12.28 -31.15
C PRO A 277 -14.15 -13.37 -30.13
N ILE A 278 -13.45 -13.33 -29.01
CA ILE A 278 -13.67 -14.34 -27.99
C ILE A 278 -15.09 -14.26 -27.46
N TYR A 279 -15.59 -13.04 -27.24
CA TYR A 279 -16.99 -12.90 -26.85
C TYR A 279 -17.89 -13.49 -27.90
N ILE A 280 -17.60 -13.22 -29.17
CA ILE A 280 -18.47 -13.70 -30.25
C ILE A 280 -18.54 -15.21 -30.23
N THR A 281 -17.39 -15.87 -30.14
CA THR A 281 -17.37 -17.33 -30.13
C THR A 281 -18.13 -17.88 -28.93
N MET A 282 -17.87 -17.32 -27.74
CA MET A 282 -18.53 -17.81 -26.55
C MET A 282 -20.04 -17.67 -26.67
N ASP A 283 -20.51 -16.51 -27.14
CA ASP A 283 -21.95 -16.31 -27.27
C ASP A 283 -22.57 -17.28 -28.27
N VAL A 284 -22.05 -17.35 -29.49
CA VAL A 284 -22.72 -18.20 -30.47
C VAL A 284 -22.73 -19.65 -30.02
N SER A 285 -21.63 -20.13 -29.43
CA SER A 285 -21.62 -21.48 -28.91
C SER A 285 -22.68 -21.65 -27.82
N ASP A 286 -22.80 -20.66 -26.93
CA ASP A 286 -23.80 -20.78 -25.88
C ASP A 286 -25.22 -20.69 -26.42
N PHE A 287 -25.45 -19.91 -27.46
CA PHE A 287 -26.78 -19.88 -28.05
C PHE A 287 -27.18 -21.24 -28.60
N LEU A 288 -26.28 -21.90 -29.34
CA LEU A 288 -26.62 -23.22 -29.85
C LEU A 288 -26.75 -24.25 -28.73
N LEU A 289 -25.89 -24.16 -27.71
CA LEU A 289 -26.00 -25.05 -26.57
C LEU A 289 -27.33 -24.88 -25.85
N SER A 290 -27.78 -23.65 -25.66
CA SER A 290 -29.05 -23.40 -24.98
C SER A 290 -30.23 -23.88 -25.80
N PHE A 291 -30.20 -23.65 -27.11
CA PHE A 291 -31.25 -24.19 -27.97
C PHE A 291 -31.34 -25.71 -27.82
N SER A 292 -30.22 -26.40 -27.92
CA SER A 292 -30.24 -27.85 -27.83
C SER A 292 -30.65 -28.33 -26.44
N LYS A 293 -30.19 -27.70 -25.36
CA LYS A 293 -30.56 -28.17 -24.03
C LYS A 293 -32.03 -27.94 -23.77
N THR A 294 -32.60 -26.83 -24.25
CA THR A 294 -34.02 -26.62 -24.00
C THR A 294 -34.87 -27.53 -24.85
N LEU A 295 -34.41 -27.88 -26.06
CA LEU A 295 -35.10 -28.92 -26.81
C LEU A 295 -34.93 -30.29 -26.17
N ASN A 296 -33.86 -30.49 -25.41
CA ASN A 296 -33.69 -31.70 -24.64
C ASN A 296 -34.66 -31.80 -23.47
N TYR A 297 -34.75 -30.76 -22.65
CA TYR A 297 -35.70 -30.74 -21.54
C TYR A 297 -37.11 -30.45 -22.02
N LEU A 298 -37.30 -30.28 -23.32
CA LEU A 298 -38.62 -30.21 -23.93
C LEU A 298 -38.61 -31.18 -25.11
N ASP A 299 -38.14 -32.40 -24.87
CA ASP A 299 -37.71 -33.34 -25.90
C ASP A 299 -38.62 -33.46 -27.12
N SER A 300 -38.00 -33.63 -28.28
CA SER A 300 -38.70 -33.82 -29.54
C SER A 300 -37.75 -34.41 -30.58
N GLY A 301 -38.22 -34.59 -31.80
CA GLY A 301 -37.38 -35.09 -32.87
C GLY A 301 -36.27 -34.13 -33.22
N LEU A 302 -36.53 -32.84 -33.06
CA LEU A 302 -35.57 -31.80 -33.42
C LEU A 302 -34.32 -31.83 -32.56
N ALA A 303 -34.41 -32.43 -31.38
CA ALA A 303 -33.34 -32.38 -30.40
C ALA A 303 -32.00 -32.86 -30.95
N PHE A 304 -32.00 -34.04 -31.59
CA PHE A 304 -30.78 -34.64 -32.11
C PHE A 304 -30.11 -33.78 -33.17
N PHE A 305 -30.90 -33.25 -34.10
CA PHE A 305 -30.34 -32.45 -35.19
C PHE A 305 -29.72 -31.17 -34.67
N SER A 306 -30.45 -30.47 -33.78
CA SER A 306 -29.91 -29.26 -33.18
C SER A 306 -28.64 -29.57 -32.40
N PHE A 307 -28.61 -30.68 -31.68
CA PHE A 307 -27.43 -31.00 -30.89
C PHE A 307 -26.24 -31.30 -31.79
N ALA A 308 -26.45 -32.02 -32.89
CA ALA A 308 -25.35 -32.29 -33.80
C ALA A 308 -24.80 -31.01 -34.43
N ILE A 309 -25.70 -30.11 -34.85
CA ILE A 309 -25.24 -28.80 -35.31
C ILE A 309 -24.49 -28.07 -34.22
N PHE A 310 -24.94 -28.19 -32.98
CA PHE A 310 -24.21 -27.56 -31.87
C PHE A 310 -22.81 -28.13 -31.77
N VAL A 311 -22.66 -29.44 -31.93
CA VAL A 311 -21.34 -30.04 -31.85
C VAL A 311 -20.44 -29.51 -32.95
N VAL A 312 -20.96 -29.45 -34.18
CA VAL A 312 -20.16 -28.93 -35.28
C VAL A 312 -19.71 -27.50 -35.00
N ALA A 313 -20.66 -26.65 -34.62
CA ALA A 313 -20.34 -25.24 -34.38
C ALA A 313 -19.44 -25.07 -33.17
N TRP A 314 -19.60 -25.90 -32.15
CA TRP A 314 -18.73 -25.83 -30.98
C TRP A 314 -17.30 -26.15 -31.37
N ILE A 315 -17.10 -27.28 -32.04
CA ILE A 315 -15.77 -27.62 -32.54
C ILE A 315 -15.19 -26.44 -33.29
N TYR A 316 -15.85 -26.03 -34.38
CA TYR A 316 -15.30 -24.98 -35.23
C TYR A 316 -15.05 -23.71 -34.43
N LEU A 317 -16.11 -23.05 -33.98
CA LEU A 317 -15.96 -21.77 -33.30
C LEU A 317 -14.99 -21.88 -32.14
N ARG A 318 -15.39 -22.58 -31.07
CA ARG A 318 -14.55 -22.51 -29.89
C ARG A 318 -13.16 -23.06 -30.18
N HIS A 319 -13.04 -24.33 -30.53
CA HIS A 319 -11.67 -24.87 -30.55
C HIS A 319 -10.86 -24.30 -31.71
N TYR A 320 -11.38 -24.31 -32.94
CA TYR A 320 -10.56 -23.83 -34.04
C TYR A 320 -10.28 -22.34 -33.95
N ILE A 321 -11.31 -21.51 -33.73
CA ILE A 321 -11.07 -20.08 -33.68
C ILE A 321 -10.20 -19.69 -32.50
N ASN A 322 -10.43 -20.23 -31.30
CA ASN A 322 -9.57 -19.85 -30.18
C ASN A 322 -8.15 -20.37 -30.38
N LEU A 323 -7.98 -21.55 -31.00
CA LEU A 323 -6.63 -22.03 -31.24
C LEU A 323 -5.90 -21.19 -32.27
N LYS A 324 -6.59 -20.78 -33.34
CA LYS A 324 -5.92 -19.89 -34.28
C LYS A 324 -5.67 -18.52 -33.66
N ILE A 325 -6.49 -18.11 -32.71
CA ILE A 325 -6.21 -16.86 -31.99
C ILE A 325 -4.95 -17.01 -31.15
N LEU A 326 -4.76 -18.18 -30.53
CA LEU A 326 -3.53 -18.40 -29.77
C LEU A 326 -2.30 -18.41 -30.69
N TRP A 327 -2.40 -19.12 -31.81
CA TRP A 327 -1.30 -19.07 -32.77
C TRP A 327 -1.03 -17.63 -33.19
N SER A 328 -2.09 -16.84 -33.33
CA SER A 328 -1.94 -15.43 -33.64
C SER A 328 -1.23 -14.70 -32.52
N VAL A 329 -1.56 -14.98 -31.27
CA VAL A 329 -0.99 -14.20 -30.20
C VAL A 329 0.51 -14.41 -30.31
N LEU A 330 0.95 -15.64 -30.51
CA LEU A 330 2.39 -15.85 -30.68
C LEU A 330 2.93 -15.04 -31.87
N THR A 331 2.52 -15.44 -33.07
CA THR A 331 3.26 -15.02 -34.26
C THR A 331 3.02 -13.55 -34.58
N GLN A 332 1.80 -13.06 -34.38
CA GLN A 332 1.45 -11.68 -34.67
C GLN A 332 1.32 -10.84 -33.41
N PHE A 333 1.80 -11.35 -32.28
CA PHE A 333 2.07 -10.50 -31.13
C PHE A 333 3.50 -10.04 -31.19
N ARG A 334 4.40 -10.95 -31.55
CA ARG A 334 5.79 -10.54 -31.60
C ARG A 334 6.06 -9.58 -32.75
N THR A 335 5.36 -9.73 -33.88
CA THR A 335 5.73 -8.94 -35.07
C THR A 335 4.56 -8.32 -35.82
N GLU A 336 3.60 -7.72 -35.13
CA GLU A 336 2.53 -7.08 -35.89
C GLU A 336 2.22 -5.70 -35.31
N GLY A 337 3.24 -4.91 -35.08
CA GLY A 337 3.06 -3.58 -34.57
C GLY A 337 4.10 -3.25 -33.53
N ASN A 338 3.76 -2.29 -32.67
CA ASN A 338 4.68 -1.90 -31.61
C ASN A 338 4.91 -3.07 -30.65
N TYR A 339 6.18 -3.37 -30.39
CA TYR A 339 6.50 -4.49 -29.51
C TYR A 339 7.64 -4.15 -28.56
N VAL A 340 7.87 -2.86 -28.30
CA VAL A 340 8.82 -2.42 -27.29
C VAL A 340 8.03 -1.80 -26.16
N LEU A 341 8.15 -2.36 -24.96
CA LEU A 341 7.39 -1.87 -23.83
C LEU A 341 7.75 -0.41 -23.54
N ASN A 342 6.72 0.40 -23.34
CA ASN A 342 6.89 1.83 -23.08
C ASN A 342 5.83 2.23 -22.06
N PHE A 343 6.21 2.31 -20.79
CA PHE A 343 5.27 2.65 -19.75
C PHE A 343 4.73 4.07 -19.88
N ALA A 344 5.43 4.95 -20.60
CA ALA A 344 5.00 6.33 -20.72
C ALA A 344 3.81 6.50 -21.64
N THR A 345 3.71 5.70 -22.71
CA THR A 345 2.59 5.79 -23.64
C THR A 345 1.63 4.64 -23.46
N GLN A 346 1.74 3.93 -22.34
CA GLN A 346 0.88 2.80 -22.01
C GLN A 346 0.80 1.81 -23.17
N GLN A 347 1.96 1.43 -23.66
CA GLN A 347 2.07 0.42 -24.68
C GLN A 347 2.55 -0.83 -23.95
N TYR A 348 1.61 -1.71 -23.59
CA TYR A 348 1.89 -2.87 -22.77
C TYR A 348 2.19 -4.12 -23.59
N LYS A 349 2.00 -4.08 -24.90
CA LYS A 349 2.27 -5.23 -25.75
C LYS A 349 3.78 -5.40 -25.82
N CYS A 350 4.29 -6.40 -25.11
CA CYS A 350 5.72 -6.59 -24.92
C CYS A 350 5.97 -8.08 -24.76
N TRP A 351 7.22 -8.44 -24.47
CA TRP A 351 7.53 -9.84 -24.20
C TRP A 351 7.17 -10.25 -22.78
N ILE A 352 6.85 -9.29 -21.91
CA ILE A 352 6.41 -9.60 -20.56
C ILE A 352 4.90 -9.81 -20.51
N SER A 353 4.17 -9.27 -21.49
CA SER A 353 2.73 -9.44 -21.56
C SER A 353 2.29 -10.61 -22.41
N LEU A 354 3.15 -11.10 -23.29
CA LEU A 354 2.86 -12.26 -24.12
C LEU A 354 2.60 -13.51 -23.29
N PRO A 355 3.42 -13.82 -22.28
CA PRO A 355 3.07 -14.97 -21.42
C PRO A 355 1.73 -14.82 -20.73
N ILE A 356 1.43 -13.63 -20.21
CA ILE A 356 0.16 -13.44 -19.52
C ILE A 356 -0.99 -13.64 -20.48
N VAL A 357 -0.89 -13.07 -21.68
CA VAL A 357 -1.98 -13.23 -22.66
C VAL A 357 -2.14 -14.69 -23.03
N PHE A 358 -1.04 -15.36 -23.36
CA PHE A 358 -1.13 -16.74 -23.81
C PHE A 358 -1.68 -17.64 -22.72
N VAL A 359 -1.21 -17.50 -21.49
CA VAL A 359 -1.70 -18.33 -20.39
C VAL A 359 -3.16 -18.05 -20.12
N LEU A 360 -3.55 -16.78 -20.11
CA LEU A 360 -4.90 -16.44 -19.69
C LEU A 360 -5.92 -16.68 -20.81
N ILE A 361 -5.45 -16.92 -22.04
CA ILE A 361 -6.37 -17.44 -23.06
C ILE A 361 -6.32 -18.96 -23.10
N GLY A 362 -5.17 -19.56 -22.83
CA GLY A 362 -5.10 -21.01 -22.71
C GLY A 362 -5.96 -21.52 -21.58
N ALA A 363 -6.26 -20.67 -20.60
CA ALA A 363 -7.21 -21.05 -19.57
C ALA A 363 -8.55 -21.39 -20.20
N LEU A 364 -9.09 -20.47 -21.01
CA LEU A 364 -10.33 -20.75 -21.72
C LEU A 364 -10.18 -21.94 -22.63
N GLN A 365 -9.00 -22.09 -23.25
CA GLN A 365 -8.82 -23.21 -24.16
C GLN A 365 -8.92 -24.55 -23.44
N LEU A 366 -8.28 -24.66 -22.27
CA LEU A 366 -8.35 -25.90 -21.49
C LEU A 366 -9.77 -26.16 -21.00
N VAL A 367 -10.45 -25.11 -20.52
CA VAL A 367 -11.84 -25.30 -20.12
C VAL A 367 -12.68 -25.80 -21.28
N ASN A 368 -12.45 -25.27 -22.48
CA ASN A 368 -13.18 -25.72 -23.65
C ASN A 368 -12.84 -27.17 -23.97
N LEU A 369 -11.58 -27.57 -23.78
CA LEU A 369 -11.21 -28.96 -24.00
C LEU A 369 -11.95 -29.89 -23.04
N TYR A 370 -12.04 -29.49 -21.77
CA TYR A 370 -12.76 -30.31 -20.79
C TYR A 370 -14.23 -30.46 -21.14
N TRP A 371 -14.83 -29.32 -21.51
CA TRP A 371 -16.23 -29.31 -21.91
C TRP A 371 -16.42 -30.22 -23.11
N LEU A 372 -15.49 -30.16 -24.06
CA LEU A 372 -15.56 -31.01 -25.24
C LEU A 372 -15.46 -32.49 -24.86
N PHE A 373 -14.60 -32.82 -23.90
CA PHE A 373 -14.50 -34.21 -23.45
C PHE A 373 -15.85 -34.70 -22.95
N LEU A 374 -16.49 -33.91 -22.09
CA LEU A 374 -17.78 -34.38 -21.57
C LEU A 374 -18.87 -34.35 -22.64
N ILE A 375 -18.75 -33.45 -23.61
CA ILE A 375 -19.71 -33.38 -24.69
C ILE A 375 -19.58 -34.66 -25.53
N PHE A 376 -18.34 -35.11 -25.71
CA PHE A 376 -18.05 -36.32 -26.45
C PHE A 376 -18.70 -37.48 -25.71
N ARG A 377 -18.46 -37.54 -24.40
CA ARG A 377 -19.05 -38.59 -23.57
C ARG A 377 -20.56 -38.65 -23.76
N VAL A 378 -21.20 -37.49 -23.73
CA VAL A 378 -22.65 -37.42 -23.90
C VAL A 378 -23.04 -37.95 -25.27
N LEU A 379 -22.28 -37.57 -26.29
CA LEU A 379 -22.56 -38.00 -27.66
C LEU A 379 -22.50 -39.51 -27.77
N TYR A 380 -21.45 -40.10 -27.20
CA TYR A 380 -21.30 -41.56 -27.20
C TYR A 380 -22.49 -42.23 -26.54
N ARG A 381 -22.83 -41.79 -25.31
CA ARG A 381 -23.90 -42.46 -24.59
C ARG A 381 -25.25 -42.31 -25.28
N ILE A 382 -25.56 -41.13 -25.83
CA ILE A 382 -26.83 -40.97 -26.54
C ILE A 382 -26.80 -41.74 -27.85
N LEU A 383 -25.64 -41.90 -28.46
CA LEU A 383 -25.52 -42.73 -29.66
C LEU A 383 -25.82 -44.19 -29.35
N TRP A 384 -25.37 -44.69 -28.21
CA TRP A 384 -25.64 -46.07 -27.81
C TRP A 384 -26.88 -46.19 -26.94
N ARG A 385 -27.86 -45.30 -27.13
CA ARG A 385 -29.13 -45.38 -26.41
C ARG A 385 -30.29 -45.00 -27.33
N PRO B 18 -29.60 -16.93 2.24
CA PRO B 18 -29.37 -15.51 1.95
C PRO B 18 -28.19 -14.93 2.71
N LYS B 19 -27.09 -14.64 2.01
CA LYS B 19 -25.89 -14.11 2.65
C LYS B 19 -25.44 -12.86 1.88
N ILE B 20 -25.39 -11.75 2.60
CA ILE B 20 -25.03 -10.45 2.04
C ILE B 20 -23.58 -10.10 2.34
N PHE B 21 -23.11 -10.39 3.56
CA PHE B 21 -21.75 -10.01 3.90
C PHE B 21 -20.73 -10.71 3.00
N ASN B 22 -21.04 -11.92 2.56
CA ASN B 22 -20.17 -12.58 1.59
C ASN B 22 -20.13 -11.78 0.29
N LEU B 23 -21.30 -11.27 -0.12
CA LEU B 23 -21.38 -10.44 -1.32
C LEU B 23 -20.52 -9.19 -1.19
N PHE B 24 -20.60 -8.49 -0.06
CA PHE B 24 -19.72 -7.34 0.11
C PHE B 24 -18.26 -7.71 0.24
N ARG B 25 -17.97 -8.92 0.73
CA ARG B 25 -16.59 -9.37 0.86
C ARG B 25 -15.97 -9.57 -0.52
N VAL B 26 -16.71 -10.18 -1.44
CA VAL B 26 -16.23 -10.41 -2.80
C VAL B 26 -16.26 -9.13 -3.62
N CYS B 27 -17.29 -8.29 -3.45
CA CYS B 27 -17.35 -7.02 -4.15
C CYS B 27 -16.28 -6.04 -3.71
N PHE B 28 -15.98 -5.97 -2.41
CA PHE B 28 -14.90 -5.11 -1.92
C PHE B 28 -13.56 -5.58 -2.45
N ILE B 29 -13.33 -6.90 -2.46
CA ILE B 29 -12.07 -7.40 -3.00
C ILE B 29 -11.94 -7.08 -4.48
N SER B 30 -13.01 -7.29 -5.25
CA SER B 30 -12.96 -7.01 -6.68
C SER B 30 -12.74 -5.53 -6.93
N LEU B 31 -13.46 -4.67 -6.20
CA LEU B 31 -13.33 -3.23 -6.39
C LEU B 31 -11.95 -2.74 -6.00
N LEU B 32 -11.40 -3.28 -4.91
CA LEU B 32 -10.05 -2.91 -4.52
C LEU B 32 -9.03 -3.37 -5.55
N LEU B 33 -9.24 -4.52 -6.17
CA LEU B 33 -8.32 -4.95 -7.21
C LEU B 33 -8.43 -4.05 -8.45
N ILE B 34 -9.64 -3.63 -8.78
CA ILE B 34 -9.83 -2.68 -9.87
C ILE B 34 -9.06 -1.39 -9.59
N ALA B 35 -9.18 -0.87 -8.36
CA ALA B 35 -8.46 0.33 -7.97
C ALA B 35 -6.96 0.11 -7.87
N ALA B 36 -6.52 -1.11 -7.60
CA ALA B 36 -5.09 -1.39 -7.54
C ALA B 36 -4.46 -1.38 -8.91
N VAL B 37 -5.12 -2.00 -9.89
CA VAL B 37 -4.59 -1.98 -11.25
C VAL B 37 -4.64 -0.59 -11.86
N GLU B 38 -5.68 0.16 -11.53
CA GLU B 38 -5.82 1.52 -12.01
C GLU B 38 -4.65 2.36 -11.53
N TYR B 39 -4.30 2.20 -10.26
CA TYR B 39 -3.17 2.93 -9.69
C TYR B 39 -1.85 2.39 -10.20
N PHE B 40 -1.77 1.10 -10.50
CA PHE B 40 -0.54 0.57 -11.10
C PHE B 40 -0.27 1.24 -12.43
N LYS B 41 -1.29 1.31 -13.29
CA LYS B 41 -1.11 1.96 -14.57
C LYS B 41 -0.72 3.42 -14.40
N TYR B 42 -1.41 4.14 -13.52
CA TYR B 42 -1.09 5.54 -13.30
C TYR B 42 0.30 5.73 -12.72
N GLY B 43 0.70 4.91 -11.75
CA GLY B 43 2.00 5.07 -11.14
C GLY B 43 3.12 4.75 -12.10
N THR B 44 3.00 3.68 -12.86
CA THR B 44 4.02 3.39 -13.85
C THR B 44 4.00 4.38 -15.00
N ARG B 45 2.94 5.15 -15.18
CA ARG B 45 2.95 6.15 -16.23
C ARG B 45 3.54 7.48 -15.78
N ILE B 46 3.22 7.96 -14.57
CA ILE B 46 3.79 9.24 -14.14
C ILE B 46 5.27 9.14 -13.84
N ASN B 47 5.74 8.05 -13.24
CA ASN B 47 7.16 7.84 -13.03
C ASN B 47 7.58 6.55 -13.71
N TYR B 48 7.81 6.66 -15.01
CA TYR B 48 8.18 5.54 -15.86
C TYR B 48 9.67 5.38 -15.97
N GLU B 49 10.44 6.46 -15.84
CA GLU B 49 11.87 6.41 -16.02
C GLU B 49 12.55 5.50 -15.02
N TRP B 50 11.88 5.14 -13.93
CA TRP B 50 12.45 4.15 -13.02
C TRP B 50 12.61 2.81 -13.72
N PHE B 51 11.61 2.42 -14.52
CA PHE B 51 11.66 1.12 -15.20
C PHE B 51 12.59 1.14 -16.40
N HIS B 52 12.60 2.22 -17.16
CA HIS B 52 13.33 2.24 -18.41
C HIS B 52 14.75 2.74 -18.26
N CYS B 53 14.96 3.81 -17.52
CA CYS B 53 16.26 4.48 -17.44
C CYS B 53 17.01 4.04 -16.19
N THR B 54 18.30 3.79 -16.34
CA THR B 54 19.16 3.47 -15.21
C THR B 54 20.25 4.51 -15.11
N PRO B 55 20.39 5.22 -13.99
CA PRO B 55 21.40 6.27 -13.89
C PRO B 55 22.79 5.69 -13.88
N ILE B 56 23.69 6.31 -14.65
CA ILE B 56 25.09 5.91 -14.71
C ILE B 56 25.92 7.05 -14.19
N LYS B 57 26.48 6.90 -12.99
CA LYS B 57 27.27 7.97 -12.36
C LYS B 57 28.74 7.59 -12.41
N GLU B 58 29.55 8.51 -12.92
CA GLU B 58 30.98 8.27 -13.07
C GLU B 58 31.72 9.37 -12.33
N PRO B 59 32.20 9.12 -11.11
CA PRO B 59 32.72 10.21 -10.29
C PRO B 59 33.97 10.85 -10.89
N GLN B 60 34.05 12.17 -10.74
CA GLN B 60 35.26 12.91 -11.05
C GLN B 60 36.12 13.00 -9.79
N SER B 61 37.08 13.90 -9.77
CA SER B 61 37.97 14.06 -8.63
C SER B 61 37.24 14.84 -7.53
N GLY B 62 36.84 14.15 -6.47
CA GLY B 62 36.24 14.81 -5.33
C GLY B 62 34.81 14.39 -5.06
N SER B 63 34.00 15.34 -4.61
CA SER B 63 32.56 15.12 -4.44
C SER B 63 31.80 15.38 -5.73
N VAL B 64 32.50 15.71 -6.81
CA VAL B 64 31.89 15.97 -8.10
C VAL B 64 31.76 14.66 -8.85
N ILE B 65 30.57 14.40 -9.39
CA ILE B 65 30.33 13.22 -10.21
C ILE B 65 29.69 13.66 -11.51
N LYS B 66 29.62 12.74 -12.46
CA LYS B 66 28.94 12.99 -13.73
C LYS B 66 27.78 12.03 -13.86
N LEU B 67 26.62 12.53 -14.25
CA LEU B 67 25.42 11.72 -14.36
C LEU B 67 24.93 11.67 -15.80
N TRP B 68 24.30 10.55 -16.14
CA TRP B 68 23.47 10.42 -17.32
C TRP B 68 22.58 9.20 -17.14
N ALA B 69 21.80 8.90 -18.16
CA ALA B 69 20.91 7.75 -18.13
C ALA B 69 21.14 6.90 -19.35
N ARG B 70 20.96 5.59 -19.20
CA ARG B 70 21.14 4.65 -20.30
C ARG B 70 20.01 3.63 -20.28
N GLY B 71 19.17 3.65 -21.32
CA GLY B 71 18.06 2.74 -21.39
C GLY B 71 17.73 2.41 -22.83
N GLY B 72 16.52 1.92 -23.04
CA GLY B 72 16.08 1.57 -24.37
C GLY B 72 15.48 2.76 -25.08
N PRO B 73 14.70 2.50 -26.14
CA PRO B 73 14.02 3.61 -26.82
C PRO B 73 13.01 4.30 -25.95
N SER B 74 12.61 3.69 -24.84
CA SER B 74 11.67 4.28 -23.91
C SER B 74 12.31 5.34 -23.03
N CYS B 75 13.63 5.38 -22.95
CA CYS B 75 14.35 6.39 -22.19
C CYS B 75 14.64 7.57 -23.12
N ASP B 76 13.60 8.35 -23.38
CA ASP B 76 13.72 9.56 -24.18
C ASP B 76 14.32 10.67 -23.34
N LYS B 77 14.47 11.85 -23.94
CA LYS B 77 15.14 12.95 -23.24
C LYS B 77 14.41 13.34 -21.96
N ARG B 78 13.09 13.19 -21.93
CA ARG B 78 12.37 13.50 -20.69
C ARG B 78 12.73 12.52 -19.60
N GLY B 79 12.86 11.24 -19.92
CA GLY B 79 13.25 10.27 -18.92
C GLY B 79 14.65 10.49 -18.41
N GLU B 80 15.58 10.84 -19.31
CA GLU B 80 16.93 11.17 -18.88
C GLU B 80 16.94 12.36 -17.95
N TYR B 81 16.23 13.42 -18.32
CA TYR B 81 16.18 14.60 -17.47
C TYR B 81 15.59 14.28 -16.11
N LYS B 82 14.48 13.54 -16.08
CA LYS B 82 13.86 13.22 -14.79
C LYS B 82 14.79 12.40 -13.92
N THR B 83 15.46 11.40 -14.49
CA THR B 83 16.29 10.55 -13.65
C THR B 83 17.54 11.29 -13.18
N ILE B 84 18.08 12.18 -14.02
CA ILE B 84 19.21 12.98 -13.60
C ILE B 84 18.82 13.90 -12.45
N VAL B 85 17.69 14.60 -12.58
CA VAL B 85 17.25 15.49 -11.51
C VAL B 85 17.00 14.70 -10.23
N LYS B 86 16.40 13.52 -10.36
CA LYS B 86 16.15 12.72 -9.17
C LYS B 86 17.45 12.37 -8.46
N ARG B 87 18.46 11.94 -9.24
CA ARG B 87 19.74 11.62 -8.62
C ARG B 87 20.36 12.83 -7.95
N ILE B 88 20.29 13.98 -8.62
CA ILE B 88 20.91 15.20 -8.08
C ILE B 88 20.24 15.61 -6.77
N THR B 89 18.93 15.60 -6.73
CA THR B 89 18.23 16.06 -5.54
C THR B 89 18.03 14.97 -4.50
N ARG B 90 18.48 13.74 -4.76
CA ARG B 90 18.29 12.68 -3.79
C ARG B 90 19.59 12.11 -3.23
N ASP B 91 20.71 12.22 -3.95
CA ASP B 91 21.97 11.74 -3.44
C ASP B 91 22.79 12.82 -2.75
N TYR B 92 22.34 14.06 -2.76
CA TYR B 92 23.08 15.19 -2.19
C TYR B 92 22.19 15.92 -1.21
N GLU B 93 22.72 16.20 -0.03
CA GLU B 93 21.93 16.86 1.01
C GLU B 93 22.32 18.32 1.10
N PRO B 94 21.45 19.25 0.70
CA PRO B 94 21.81 20.66 0.76
C PRO B 94 21.65 21.29 2.14
N ASN B 95 21.10 20.57 3.11
CA ASN B 95 21.07 21.05 4.48
C ASN B 95 22.37 20.78 5.22
N ASP B 96 23.24 19.93 4.67
CA ASP B 96 24.56 19.71 5.24
C ASP B 96 25.51 20.76 4.70
N GLU B 97 25.62 20.84 3.38
CA GLU B 97 26.24 21.98 2.72
C GLU B 97 25.65 22.14 1.33
N HIS B 98 25.80 23.34 0.79
CA HIS B 98 25.08 23.71 -0.42
C HIS B 98 25.78 23.16 -1.64
N LEU B 99 25.02 22.52 -2.51
CA LEU B 99 25.57 21.96 -3.73
C LEU B 99 25.30 22.87 -4.91
N SER B 100 25.89 22.51 -6.05
CA SER B 100 25.72 23.25 -7.28
C SER B 100 25.94 22.30 -8.44
N PHE B 101 25.01 22.30 -9.39
CA PHE B 101 25.07 21.38 -10.52
C PHE B 101 24.87 22.13 -11.82
N CYS B 102 24.89 21.39 -12.92
CA CYS B 102 24.60 21.91 -14.25
C CYS B 102 24.09 20.76 -15.10
N ILE B 103 23.26 21.08 -16.08
CA ILE B 103 22.71 20.05 -16.97
C ILE B 103 22.98 20.49 -18.41
N ILE B 104 23.56 19.59 -19.19
CA ILE B 104 23.99 19.89 -20.55
C ILE B 104 23.20 19.00 -21.51
N GLU B 105 22.59 19.62 -22.51
CA GLU B 105 21.81 18.90 -23.49
C GLU B 105 22.69 18.50 -24.66
N ASN B 106 22.34 17.40 -25.31
CA ASN B 106 23.01 16.97 -26.53
C ASN B 106 22.11 17.32 -27.71
N ASP B 107 22.49 18.35 -28.45
CA ASP B 107 21.62 18.86 -29.50
C ASP B 107 21.66 18.03 -30.78
N ASN B 108 22.70 17.22 -30.97
CA ASN B 108 22.77 16.43 -32.19
C ASN B 108 22.07 15.09 -32.01
N VAL B 109 20.87 15.12 -31.45
CA VAL B 109 20.15 13.94 -30.99
C VAL B 109 18.66 14.24 -30.94
N PRO B 110 17.80 13.42 -31.54
CA PRO B 110 16.36 13.61 -31.42
C PRO B 110 15.87 13.15 -30.05
N PRO B 111 14.64 13.49 -29.68
CA PRO B 111 14.15 13.13 -28.34
C PRO B 111 14.14 11.65 -28.03
N VAL B 112 13.88 10.78 -29.00
CA VAL B 112 13.95 9.33 -28.80
C VAL B 112 15.16 8.84 -29.58
N HIS B 113 16.19 8.36 -28.87
CA HIS B 113 17.48 8.20 -29.51
C HIS B 113 18.26 6.98 -29.04
N TYR B 114 17.65 6.05 -28.35
CA TYR B 114 18.38 4.86 -27.97
C TYR B 114 17.95 3.64 -28.77
N PRO B 115 18.88 2.99 -29.47
CA PRO B 115 18.60 1.66 -30.00
C PRO B 115 18.32 0.70 -28.86
N ILE B 116 17.56 -0.35 -29.18
CA ILE B 116 17.17 -1.32 -28.17
C ILE B 116 18.35 -2.05 -27.58
N HIS B 117 19.32 -2.47 -28.40
CA HIS B 117 20.13 -3.61 -28.01
C HIS B 117 21.31 -3.36 -27.08
N GLU B 118 22.41 -2.76 -27.55
CA GLU B 118 23.56 -2.71 -26.67
C GLU B 118 24.45 -1.48 -26.80
N ASP B 119 24.40 -0.74 -27.90
CA ASP B 119 25.29 0.41 -28.09
C ASP B 119 24.45 1.70 -28.22
N LYS B 120 24.04 2.21 -27.06
CA LYS B 120 23.04 3.26 -27.03
C LYS B 120 23.53 4.54 -27.67
N GLY B 121 24.80 4.86 -27.52
CA GLY B 121 25.35 6.07 -28.09
C GLY B 121 25.47 7.19 -27.08
N GLU B 122 25.65 8.38 -27.62
CA GLU B 122 25.90 9.54 -26.77
C GLU B 122 24.59 9.99 -26.13
N PRO B 123 24.56 10.14 -24.80
CA PRO B 123 23.30 10.41 -24.11
C PRO B 123 22.76 11.81 -24.34
N GLY B 124 21.44 11.93 -24.24
CA GLY B 124 20.78 13.19 -24.52
C GLY B 124 21.10 14.27 -23.52
N TYR B 125 21.11 13.92 -22.23
CA TYR B 125 21.40 14.87 -21.16
C TYR B 125 22.53 14.35 -20.31
N VAL B 126 23.44 15.25 -19.94
CA VAL B 126 24.58 14.93 -19.08
C VAL B 126 24.69 16.04 -18.04
N ALA B 127 24.87 15.66 -16.78
CA ALA B 127 24.90 16.62 -15.69
C ALA B 127 26.12 16.43 -14.81
N TYR B 128 26.64 17.53 -14.29
CA TYR B 128 27.76 17.56 -13.35
C TYR B 128 27.22 18.10 -12.04
N VAL B 129 27.47 17.39 -10.96
CA VAL B 129 27.00 17.81 -9.66
C VAL B 129 28.17 17.78 -8.68
N GLY B 130 28.05 18.55 -7.59
CA GLY B 130 29.08 18.54 -6.57
C GLY B 130 28.66 19.25 -5.30
N TYR B 131 29.63 19.80 -4.56
CA TYR B 131 29.35 20.66 -3.41
C TYR B 131 30.08 21.99 -3.60
N ASP B 132 30.08 22.83 -2.58
CA ASP B 132 30.72 24.12 -2.63
C ASP B 132 32.15 24.09 -2.14
N THR B 133 32.56 23.04 -1.41
CA THR B 133 33.96 22.86 -1.10
C THR B 133 34.80 22.60 -2.34
N ASP B 134 34.16 22.23 -3.44
CA ASP B 134 34.78 21.98 -4.73
C ASP B 134 33.92 22.55 -5.85
N SER B 135 33.41 23.76 -5.63
CA SER B 135 32.55 24.41 -6.62
C SER B 135 33.32 24.84 -7.85
N GLU B 136 34.56 25.28 -7.65
CA GLU B 136 35.41 25.71 -8.75
C GLU B 136 35.52 24.62 -9.80
N LEU B 137 35.68 23.39 -9.36
CA LEU B 137 35.78 22.26 -10.27
C LEU B 137 34.52 22.12 -11.11
N VAL B 138 33.35 22.21 -10.48
CA VAL B 138 32.11 22.10 -11.24
C VAL B 138 32.00 23.23 -12.24
N GLN B 139 32.43 24.43 -11.85
CA GLN B 139 32.46 25.54 -12.80
C GLN B 139 33.39 25.23 -13.97
N GLU B 140 34.48 24.51 -13.71
CA GLU B 140 35.39 24.15 -14.80
C GLU B 140 34.79 23.13 -15.75
N LEU B 141 34.17 22.08 -15.21
CA LEU B 141 33.58 21.06 -16.08
C LEU B 141 32.39 21.62 -16.86
N CYS B 142 31.46 22.27 -16.18
CA CYS B 142 30.36 22.94 -16.86
C CYS B 142 30.93 24.21 -17.46
N ALA B 143 31.49 24.07 -18.67
CA ALA B 143 32.26 25.15 -19.26
C ALA B 143 31.43 26.41 -19.43
N ASP B 144 30.28 26.28 -20.07
CA ASP B 144 29.43 27.43 -20.32
C ASP B 144 28.03 27.23 -19.80
N SER B 145 27.59 26.00 -19.60
CA SER B 145 26.26 25.73 -19.11
C SER B 145 26.01 26.43 -17.78
N THR B 146 24.81 26.99 -17.64
CA THR B 146 24.48 27.71 -16.42
C THR B 146 24.55 26.80 -15.22
N ILE B 147 25.14 27.29 -14.13
CA ILE B 147 25.27 26.56 -12.89
C ILE B 147 24.05 26.84 -12.04
N TYR B 148 23.43 25.79 -11.51
CA TYR B 148 22.30 25.93 -10.61
C TYR B 148 22.76 25.63 -9.19
N HIS B 149 22.19 26.33 -8.23
CA HIS B 149 22.51 26.13 -6.83
C HIS B 149 21.30 25.59 -6.09
N MET B 150 21.54 24.94 -4.97
CA MET B 150 20.48 24.34 -4.19
C MET B 150 20.76 24.47 -2.70
N ILE C 71 19.78 -36.85 24.55
CA ILE C 71 18.71 -37.70 24.03
C ILE C 71 17.50 -36.83 23.72
N TRP C 72 17.03 -36.93 22.48
CA TRP C 72 16.07 -36.01 21.84
C TRP C 72 14.91 -35.65 22.77
N PHE C 73 14.02 -36.59 23.12
CA PHE C 73 12.88 -36.17 23.93
C PHE C 73 13.07 -36.43 25.41
N SER C 74 14.03 -37.28 25.79
CA SER C 74 14.48 -37.26 27.17
C SER C 74 14.98 -35.86 27.54
N PHE C 75 15.72 -35.23 26.63
CA PHE C 75 16.17 -33.87 26.88
C PHE C 75 15.07 -32.85 26.63
N ARG C 76 14.06 -33.18 25.81
CA ARG C 76 12.91 -32.28 25.80
C ARG C 76 12.24 -32.25 27.17
N GLU C 77 12.18 -33.42 27.79
CA GLU C 77 11.62 -33.55 29.13
C GLU C 77 12.48 -32.76 30.12
N ILE C 78 13.80 -32.93 30.06
CA ILE C 78 14.68 -32.20 30.95
C ILE C 78 14.53 -30.69 30.72
N SER C 79 14.17 -30.28 29.51
CA SER C 79 13.84 -28.87 29.28
C SER C 79 12.54 -28.50 29.98
N TYR C 80 11.64 -29.47 30.09
CA TYR C 80 10.39 -29.25 30.79
C TYR C 80 10.73 -29.05 32.26
N ARG C 81 11.85 -29.64 32.68
CA ARG C 81 12.32 -29.54 34.05
C ARG C 81 13.14 -28.27 34.25
N HIS C 82 13.68 -27.74 33.15
CA HIS C 82 14.48 -26.52 33.19
C HIS C 82 14.19 -25.74 31.91
N ALA C 83 13.22 -24.82 32.00
CA ALA C 83 12.68 -24.15 30.82
C ALA C 83 13.72 -23.32 30.08
N TRP C 84 14.61 -22.68 30.83
CA TRP C 84 15.56 -21.71 30.27
C TRP C 84 16.64 -22.35 29.40
N ILE C 85 16.72 -23.68 29.40
CA ILE C 85 17.89 -24.34 28.83
C ILE C 85 18.02 -24.12 27.32
N ALA C 86 16.92 -24.18 26.57
CA ALA C 86 17.02 -23.95 25.13
C ALA C 86 17.44 -22.52 24.79
N PRO C 87 16.86 -21.47 25.38
CA PRO C 87 17.41 -20.13 25.15
C PRO C 87 18.86 -20.02 25.55
N LEU C 88 19.27 -20.66 26.66
CA LEU C 88 20.68 -20.59 27.02
C LEU C 88 21.54 -21.24 25.96
N MET C 89 21.04 -22.32 25.37
CA MET C 89 21.77 -23.03 24.32
C MET C 89 21.95 -22.13 23.09
N ILE C 90 20.89 -21.42 22.71
CA ILE C 90 20.95 -20.53 21.55
C ILE C 90 21.92 -19.38 21.83
N LEU C 91 21.81 -18.77 23.00
CA LEU C 91 22.70 -17.67 23.35
C LEU C 91 24.16 -18.12 23.37
N ILE C 92 24.43 -19.26 24.00
CA ILE C 92 25.82 -19.68 24.12
C ILE C 92 26.38 -20.04 22.75
N ALA C 93 25.57 -20.61 21.87
CA ALA C 93 26.04 -20.91 20.52
C ALA C 93 26.38 -19.63 19.76
N VAL C 94 25.48 -18.64 19.81
CA VAL C 94 25.73 -17.41 19.06
C VAL C 94 26.93 -16.66 19.63
N TYR C 95 27.01 -16.54 20.96
CA TYR C 95 28.15 -15.87 21.56
C TYR C 95 29.44 -16.59 21.25
N SER C 96 29.42 -17.92 21.28
CA SER C 96 30.62 -18.69 20.99
C SER C 96 31.07 -18.48 19.56
N ALA C 97 30.13 -18.48 18.63
CA ALA C 97 30.47 -18.23 17.23
C ALA C 97 31.05 -16.84 17.05
N TYR C 98 30.48 -15.85 17.73
CA TYR C 98 30.96 -14.48 17.56
C TYR C 98 32.32 -14.28 18.18
N PHE C 99 32.59 -14.92 19.32
CA PHE C 99 33.82 -14.66 20.04
C PHE C 99 34.99 -15.53 19.60
N THR C 100 34.72 -16.75 19.13
CA THR C 100 35.81 -17.59 18.63
C THR C 100 36.26 -17.16 17.25
N SER C 101 35.43 -16.40 16.54
CA SER C 101 35.74 -15.98 15.19
C SER C 101 36.94 -15.05 15.16
N GLY C 102 37.28 -14.46 16.30
CA GLY C 102 38.43 -13.59 16.36
C GLY C 102 38.12 -12.18 15.88
N ASN C 103 37.59 -12.05 14.67
CA ASN C 103 37.30 -10.74 14.08
C ASN C 103 36.05 -10.15 14.72
N THR C 104 36.12 -9.91 16.03
CA THR C 104 35.05 -9.26 16.76
C THR C 104 35.06 -7.80 16.33
N THR C 105 34.57 -7.55 15.11
CA THR C 105 34.65 -6.23 14.50
C THR C 105 33.24 -5.71 14.30
N LYS C 106 33.13 -4.54 13.68
CA LYS C 106 31.83 -3.97 13.40
C LYS C 106 31.12 -4.70 12.28
N THR C 107 31.83 -5.59 11.58
CA THR C 107 31.28 -6.31 10.40
C THR C 107 30.99 -7.77 10.74
N ASN C 108 30.88 -8.62 9.74
CA ASN C 108 30.50 -10.02 9.96
C ASN C 108 28.97 -9.99 10.05
N VAL C 109 28.36 -10.82 10.88
CA VAL C 109 26.90 -10.71 10.97
C VAL C 109 26.58 -10.64 12.46
N LEU C 110 27.19 -11.58 13.20
CA LEU C 110 26.87 -11.73 14.60
C LEU C 110 27.10 -10.43 15.35
N HIS C 111 27.96 -9.56 14.83
CA HIS C 111 28.08 -8.24 15.44
C HIS C 111 26.76 -7.49 15.39
N ARG C 112 26.13 -7.44 14.22
CA ARG C 112 24.85 -6.74 14.14
C ARG C 112 23.83 -7.43 15.03
N PHE C 113 24.03 -8.72 15.31
CA PHE C 113 23.05 -9.36 16.18
C PHE C 113 23.31 -9.15 17.67
N VAL C 114 24.55 -8.93 18.09
CA VAL C 114 24.86 -8.98 19.51
C VAL C 114 25.51 -7.70 20.02
N ALA C 115 25.42 -6.62 19.25
CA ALA C 115 25.97 -5.35 19.71
C ALA C 115 25.27 -4.17 19.05
N VAL C 116 25.28 -3.03 19.70
CA VAL C 116 24.66 -1.83 19.12
C VAL C 116 25.49 -1.39 17.93
N SER C 117 24.82 -1.16 16.81
CA SER C 117 25.51 -0.89 15.55
C SER C 117 25.32 0.58 15.19
N TYR C 118 25.83 0.98 14.02
CA TYR C 118 25.69 2.34 13.49
C TYR C 118 26.44 3.37 14.31
N GLN C 119 27.62 3.03 14.81
CA GLN C 119 28.46 4.01 15.49
C GLN C 119 28.89 5.10 14.52
N ILE C 120 28.68 6.36 14.88
CA ILE C 120 29.04 7.45 13.98
C ILE C 120 30.54 7.68 14.04
N GLY C 121 31.24 7.27 12.98
CA GLY C 121 32.69 7.38 12.94
C GLY C 121 33.36 6.58 14.03
N ASP C 122 34.20 7.24 14.82
CA ASP C 122 34.79 6.61 15.99
C ASP C 122 34.45 7.49 17.18
N THR C 123 33.17 7.84 17.30
CA THR C 123 32.73 8.75 18.34
C THR C 123 31.75 8.00 19.24
N ASN C 124 31.38 8.59 20.37
CA ASN C 124 30.35 8.01 21.21
C ASN C 124 29.00 8.56 20.77
N ALA C 125 28.52 8.10 19.61
CA ALA C 125 27.22 8.53 19.08
C ALA C 125 26.78 7.48 18.08
N TYR C 126 25.59 6.94 18.27
CA TYR C 126 25.11 5.79 17.50
C TYR C 126 23.83 6.14 16.77
N GLY C 127 23.69 5.67 15.54
CA GLY C 127 22.54 5.97 14.71
C GLY C 127 21.41 4.97 14.86
N LYS C 128 20.56 4.87 13.84
CA LYS C 128 19.41 3.97 13.88
C LYS C 128 19.36 3.18 12.60
N GLY C 129 18.78 1.99 12.66
CA GLY C 129 18.63 1.18 11.47
C GLY C 129 18.01 -0.16 11.78
N ILE C 130 18.02 -1.03 10.77
CA ILE C 130 17.47 -2.38 10.92
C ILE C 130 18.27 -3.24 11.88
N ASN C 131 19.56 -2.99 12.01
CA ASN C 131 20.34 -3.73 13.00
C ASN C 131 19.82 -3.50 14.42
N ASP C 132 19.11 -2.39 14.66
CA ASP C 132 18.42 -2.22 15.93
C ASP C 132 17.34 -3.28 16.12
N LEU C 133 16.60 -3.59 15.06
CA LEU C 133 15.63 -4.67 15.15
C LEU C 133 16.31 -6.00 15.40
N CYS C 134 17.46 -6.23 14.76
CA CYS C 134 18.18 -7.48 15.04
C CYS C 134 18.61 -7.56 16.49
N PHE C 135 19.14 -6.47 17.03
CA PHE C 135 19.54 -6.40 18.43
C PHE C 135 18.36 -6.65 19.37
N VAL C 136 17.21 -6.02 19.09
CA VAL C 136 16.05 -6.19 19.93
C VAL C 136 15.60 -7.65 19.92
N PHE C 137 15.58 -8.27 18.74
CA PHE C 137 15.23 -9.68 18.66
C PHE C 137 16.17 -10.54 19.50
N TYR C 138 17.47 -10.34 19.33
CA TYR C 138 18.41 -11.20 20.05
C TYR C 138 18.30 -11.03 21.56
N TYR C 139 18.09 -9.82 22.04
CA TYR C 139 17.98 -9.71 23.48
C TYR C 139 16.57 -9.96 23.99
N MET C 140 15.57 -10.05 23.12
CA MET C 140 14.35 -10.76 23.50
C MET C 140 14.67 -12.20 23.85
N ILE C 141 15.48 -12.85 23.02
CA ILE C 141 15.88 -14.23 23.32
C ILE C 141 16.62 -14.28 24.65
N PHE C 142 17.56 -13.33 24.84
CA PHE C 142 18.28 -13.27 26.10
C PHE C 142 17.37 -13.10 27.30
N PHE C 143 16.44 -12.16 27.25
CA PHE C 143 15.57 -11.91 28.40
C PHE C 143 14.63 -13.07 28.65
N THR C 144 14.20 -13.78 27.60
CA THR C 144 13.46 -15.01 27.80
C THR C 144 14.28 -16.04 28.55
N PHE C 145 15.56 -16.20 28.22
CA PHE C 145 16.39 -17.04 29.07
C PHE C 145 16.46 -16.54 30.50
N LEU C 146 16.73 -15.25 30.67
CA LEU C 146 17.01 -14.73 32.00
C LEU C 146 15.80 -14.84 32.91
N ARG C 147 14.61 -14.55 32.39
CA ARG C 147 13.42 -14.62 33.21
C ARG C 147 13.25 -16.00 33.81
N GLU C 148 13.28 -17.04 32.98
CA GLU C 148 13.09 -18.39 33.49
C GLU C 148 14.22 -18.82 34.42
N PHE C 149 15.46 -18.59 33.99
CA PHE C 149 16.58 -19.06 34.80
C PHE C 149 16.61 -18.38 36.16
N LEU C 150 16.58 -17.05 36.18
CA LEU C 150 16.53 -16.36 37.45
C LEU C 150 15.33 -16.82 38.25
N MET C 151 14.14 -16.79 37.63
CA MET C 151 12.90 -17.16 38.30
C MET C 151 13.09 -18.43 39.11
N ASP C 152 13.29 -19.56 38.42
CA ASP C 152 13.37 -20.80 39.19
C ASP C 152 14.60 -20.78 40.10
N VAL C 153 15.79 -20.77 39.51
CA VAL C 153 16.97 -21.18 40.26
C VAL C 153 17.27 -20.23 41.40
N VAL C 154 17.02 -18.92 41.21
CA VAL C 154 17.27 -18.03 42.33
C VAL C 154 16.03 -17.85 43.20
N ILE C 155 14.89 -17.46 42.62
CA ILE C 155 13.82 -17.08 43.52
C ILE C 155 13.23 -18.28 44.23
N ARG C 156 12.90 -19.38 43.53
CA ARG C 156 12.16 -20.42 44.23
C ARG C 156 12.95 -20.99 45.41
N PRO C 157 14.22 -21.34 45.27
CA PRO C 157 14.99 -21.71 46.47
C PRO C 157 15.00 -20.62 47.51
N PHE C 158 15.10 -19.35 47.12
CA PHE C 158 15.01 -18.27 48.09
C PHE C 158 13.59 -18.14 48.62
N ALA C 159 12.59 -18.29 47.74
CA ALA C 159 11.21 -18.01 48.13
C ALA C 159 10.60 -19.12 48.97
N ILE C 160 11.23 -20.29 49.04
CA ILE C 160 10.75 -21.33 49.94
C ILE C 160 11.88 -21.72 50.89
N ARG C 161 12.99 -20.98 50.83
CA ARG C 161 14.12 -21.26 51.70
C ARG C 161 13.87 -20.83 53.14
N LEU C 162 12.90 -19.94 53.28
CA LEU C 162 12.43 -19.42 54.54
C LEU C 162 10.98 -19.82 54.54
N HIS C 163 10.42 -20.00 53.35
CA HIS C 163 9.02 -20.44 53.22
C HIS C 163 7.93 -19.43 53.22
N VAL C 164 6.94 -19.72 52.37
CA VAL C 164 5.67 -19.01 52.23
C VAL C 164 4.71 -20.06 51.73
N THR C 165 4.39 -20.99 52.60
CA THR C 165 3.51 -22.08 52.26
C THR C 165 2.08 -21.71 51.78
N SER C 166 1.87 -21.79 50.49
CA SER C 166 0.59 -21.55 49.91
C SER C 166 0.81 -22.20 48.59
N LYS C 167 0.60 -21.43 47.53
CA LYS C 167 0.75 -21.90 46.15
C LYS C 167 0.72 -20.62 45.36
N HIS C 168 -0.48 -20.08 45.18
CA HIS C 168 -0.60 -18.79 44.52
C HIS C 168 0.24 -17.76 45.25
N ARG C 169 0.35 -17.91 46.56
CA ARG C 169 1.25 -17.09 47.36
C ARG C 169 2.66 -17.19 46.78
N ILE C 170 3.14 -18.41 46.53
CA ILE C 170 4.50 -18.58 46.02
C ILE C 170 4.61 -18.13 44.57
N LYS C 171 3.52 -18.27 43.82
CA LYS C 171 3.50 -17.82 42.43
C LYS C 171 3.70 -16.30 42.36
N ARG C 172 3.03 -15.57 43.25
CA ARG C 172 3.14 -14.13 43.29
C ARG C 172 4.45 -13.69 43.90
N ILE C 173 4.96 -14.41 44.90
CA ILE C 173 6.28 -14.10 45.42
C ILE C 173 7.32 -14.16 44.34
N MET C 174 7.38 -15.26 43.58
CA MET C 174 8.43 -15.37 42.58
C MET C 174 8.28 -14.32 41.49
N GLU C 175 7.06 -14.06 41.04
CA GLU C 175 6.85 -13.06 40.01
C GLU C 175 7.26 -11.67 40.48
N GLN C 176 6.90 -11.31 41.72
CA GLN C 176 7.21 -9.98 42.21
C GLN C 176 8.69 -9.85 42.59
N MET C 177 9.33 -10.95 43.00
CA MET C 177 10.77 -10.92 43.17
C MET C 177 11.47 -10.67 41.83
N TYR C 178 11.01 -11.30 40.76
CA TYR C 178 11.62 -10.97 39.48
C TYR C 178 11.35 -9.51 39.14
N ALA C 179 10.15 -9.03 39.45
CA ALA C 179 9.84 -7.62 39.21
C ALA C 179 10.85 -6.72 39.89
N ILE C 180 11.06 -6.93 41.19
CA ILE C 180 12.00 -6.08 41.92
C ILE C 180 13.40 -6.24 41.37
N PHE C 181 13.77 -7.44 40.93
CA PHE C 181 15.12 -7.60 40.41
C PHE C 181 15.33 -6.77 39.15
N TYR C 182 14.47 -6.93 38.14
CA TYR C 182 14.80 -6.20 36.93
C TYR C 182 14.60 -4.72 37.12
N THR C 183 13.64 -4.31 37.94
CA THR C 183 13.47 -2.89 38.16
C THR C 183 14.61 -2.28 38.96
N GLY C 184 15.17 -3.03 39.91
CA GLY C 184 16.32 -2.52 40.63
C GLY C 184 17.55 -2.47 39.75
N VAL C 185 17.58 -3.28 38.70
CA VAL C 185 18.68 -3.16 37.73
C VAL C 185 18.45 -1.96 36.81
N SER C 186 17.22 -1.82 36.31
CA SER C 186 16.91 -0.84 35.27
C SER C 186 16.63 0.56 35.80
N GLY C 187 16.40 0.74 37.09
CA GLY C 187 16.16 2.06 37.62
C GLY C 187 17.45 2.84 37.78
N PRO C 188 18.31 2.38 38.68
CA PRO C 188 19.58 3.09 38.90
C PRO C 188 20.38 3.24 37.62
N PHE C 189 20.30 2.30 36.70
CA PHE C 189 20.96 2.49 35.42
C PHE C 189 20.34 3.65 34.66
N GLY C 190 19.02 3.81 34.75
CA GLY C 190 18.38 4.97 34.16
C GLY C 190 18.82 6.27 34.78
N ILE C 191 18.88 6.31 36.12
CA ILE C 191 19.35 7.53 36.77
C ILE C 191 20.81 7.78 36.46
N TYR C 192 21.60 6.73 36.24
CA TYR C 192 22.99 6.93 35.85
C TYR C 192 23.05 7.59 34.47
N CYS C 193 22.34 7.02 33.50
CA CYS C 193 22.33 7.56 32.15
C CYS C 193 21.74 8.95 32.09
N MET C 194 20.86 9.31 33.02
CA MET C 194 20.35 10.66 33.14
C MET C 194 21.29 11.59 33.92
N TYR C 195 22.21 11.02 34.69
CA TYR C 195 23.09 11.79 35.56
C TYR C 195 24.14 12.55 34.74
N HIS C 196 24.93 11.83 33.95
CA HIS C 196 25.98 12.50 33.18
C HIS C 196 25.43 12.99 31.85
N SER C 197 24.33 13.75 31.91
CA SER C 197 23.77 14.38 30.74
C SER C 197 23.02 15.62 31.20
N ASP C 198 22.71 16.50 30.26
CA ASP C 198 22.11 17.78 30.59
C ASP C 198 20.65 17.66 31.02
N LEU C 199 20.19 16.45 31.28
CA LEU C 199 18.81 16.20 31.68
C LEU C 199 18.60 16.24 33.19
N TRP C 200 19.61 16.56 33.97
CA TRP C 200 19.58 16.30 35.41
C TRP C 200 18.40 16.96 36.10
N PHE C 201 17.82 16.24 36.96
CA PHE C 201 16.64 16.65 37.56
C PHE C 201 15.53 17.20 36.85
N PHE C 202 15.19 16.50 35.80
CA PHE C 202 14.12 16.79 34.93
C PHE C 202 14.11 18.19 34.57
N ASN C 203 15.06 18.52 33.76
CA ASN C 203 15.18 19.85 33.37
C ASN C 203 14.83 19.73 32.00
N THR C 204 13.53 19.86 31.77
CA THR C 204 12.93 19.76 30.45
C THR C 204 13.65 20.67 29.49
N LYS C 205 13.86 21.93 29.90
CA LYS C 205 14.56 22.82 28.99
C LYS C 205 15.63 22.08 28.17
N ALA C 206 15.92 20.83 28.55
CA ALA C 206 16.92 20.04 27.83
C ALA C 206 16.34 18.97 26.93
N MET C 207 15.05 18.70 27.03
CA MET C 207 14.45 17.66 26.19
C MET C 207 14.10 18.16 24.80
N TYR C 208 14.22 19.47 24.56
CA TYR C 208 13.88 20.06 23.28
C TYR C 208 14.98 20.97 22.73
N ARG C 209 15.99 21.30 23.53
CA ARG C 209 16.98 22.28 23.13
C ARG C 209 17.76 21.82 21.91
N THR C 210 17.80 20.51 21.68
CA THR C 210 18.34 19.97 20.43
C THR C 210 17.43 18.82 20.01
N TYR C 211 16.42 19.13 19.21
CA TYR C 211 15.38 18.12 19.07
C TYR C 211 15.78 16.96 18.17
N PRO C 212 16.15 17.18 16.90
CA PRO C 212 16.18 16.04 15.96
C PRO C 212 16.94 14.83 16.49
N ASP C 213 18.00 15.03 17.27
CA ASP C 213 18.66 13.96 18.04
C ASP C 213 18.74 12.65 17.27
N PHE C 214 19.39 12.70 16.12
CA PHE C 214 19.53 11.51 15.31
C PHE C 214 20.44 10.47 15.94
N THR C 215 21.31 10.88 16.87
CA THR C 215 22.32 9.99 17.42
C THR C 215 22.21 9.99 18.94
N ASN C 216 22.36 8.82 19.54
CA ASN C 216 22.34 8.67 20.98
C ASN C 216 23.71 8.23 21.49
N PRO C 217 24.05 8.51 22.73
CA PRO C 217 25.29 7.97 23.29
C PRO C 217 25.24 6.46 23.38
N PHE C 218 26.33 5.83 23.82
CA PHE C 218 26.33 4.37 23.91
C PHE C 218 25.37 3.91 24.98
N LEU C 219 25.58 4.36 26.22
CA LEU C 219 24.73 3.91 27.33
C LEU C 219 23.27 4.21 27.06
N PHE C 220 23.02 5.38 26.49
CA PHE C 220 21.66 5.81 26.18
C PHE C 220 20.96 4.82 25.25
N LYS C 221 21.60 4.53 24.13
CA LYS C 221 21.03 3.60 23.16
C LYS C 221 20.89 2.21 23.74
N VAL C 222 21.90 1.75 24.48
CA VAL C 222 21.84 0.40 25.06
C VAL C 222 20.69 0.30 26.03
N PHE C 223 20.51 1.28 26.90
CA PHE C 223 19.39 1.27 27.82
C PHE C 223 18.07 1.32 27.08
N TYR C 224 17.99 2.13 26.03
CA TYR C 224 16.70 2.32 25.37
C TYR C 224 16.28 1.04 24.66
N LEU C 225 17.21 0.42 23.94
CA LEU C 225 16.92 -0.84 23.27
C LEU C 225 16.80 -2.01 24.25
N GLY C 226 17.48 -1.98 25.39
CA GLY C 226 17.26 -2.99 26.39
C GLY C 226 15.84 -2.94 26.93
N GLN C 227 15.35 -1.74 27.25
CA GLN C 227 13.95 -1.62 27.63
C GLN C 227 13.03 -2.10 26.52
N ALA C 228 13.33 -1.74 25.28
CA ALA C 228 12.50 -2.21 24.17
C ALA C 228 12.44 -3.72 24.12
N ALA C 229 13.60 -4.38 24.22
CA ALA C 229 13.65 -5.83 24.15
C ALA C 229 12.91 -6.47 25.32
N PHE C 230 13.12 -5.94 26.53
CA PHE C 230 12.49 -6.51 27.71
C PHE C 230 10.97 -6.42 27.63
N TRP C 231 10.45 -5.25 27.27
CA TRP C 231 9.00 -5.13 27.23
C TRP C 231 8.39 -5.87 26.05
N ALA C 232 9.10 -5.94 24.93
CA ALA C 232 8.61 -6.76 23.82
C ALA C 232 8.54 -8.23 24.24
N GLN C 233 9.54 -8.69 24.97
CA GLN C 233 9.50 -10.06 25.48
C GLN C 233 8.38 -10.28 26.49
N GLN C 234 8.10 -9.29 27.34
CA GLN C 234 6.97 -9.41 28.24
C GLN C 234 5.68 -9.55 27.47
N ALA C 235 5.49 -8.73 26.43
CA ALA C 235 4.28 -8.86 25.61
C ALA C 235 4.23 -10.21 24.92
N CYS C 236 5.38 -10.70 24.46
CA CYS C 236 5.42 -12.01 23.81
C CYS C 236 5.00 -13.12 24.76
N ILE C 237 5.47 -13.07 26.01
CA ILE C 237 5.06 -14.06 27.00
C ILE C 237 3.58 -13.91 27.29
N LEU C 238 3.08 -12.68 27.33
CA LEU C 238 1.68 -12.46 27.64
C LEU C 238 0.76 -13.05 26.58
N VAL C 239 0.89 -12.62 25.32
CA VAL C 239 -0.04 -13.06 24.29
C VAL C 239 0.10 -14.55 24.01
N LEU C 240 1.32 -15.08 24.06
CA LEU C 240 1.54 -16.52 23.96
C LEU C 240 1.17 -17.11 25.31
N GLN C 241 -0.11 -17.45 25.48
CA GLN C 241 -0.58 -17.96 26.76
C GLN C 241 0.05 -19.31 27.03
N LEU C 242 1.05 -19.33 27.91
CA LEU C 242 1.61 -20.61 28.35
C LEU C 242 0.71 -21.11 29.47
N GLU C 243 0.47 -20.24 30.46
CA GLU C 243 -0.54 -20.46 31.49
C GLU C 243 -1.23 -19.12 31.73
N LYS C 244 -2.56 -19.12 31.83
CA LYS C 244 -3.30 -17.88 32.01
C LYS C 244 -3.47 -17.49 33.48
N PRO C 245 -2.87 -16.36 33.88
CA PRO C 245 -3.00 -15.92 35.28
C PRO C 245 -4.34 -15.26 35.55
N ARG C 246 -4.52 -14.88 36.81
CA ARG C 246 -5.74 -14.28 37.33
C ARG C 246 -6.32 -13.03 36.68
N LYS C 247 -7.08 -12.31 37.50
CA LYS C 247 -7.79 -11.08 37.13
C LYS C 247 -6.98 -10.05 36.37
N ASP C 248 -5.75 -9.77 36.80
CA ASP C 248 -5.07 -8.57 36.32
C ASP C 248 -4.72 -8.61 34.83
N HIS C 249 -5.05 -9.70 34.14
CA HIS C 249 -4.55 -9.96 32.79
C HIS C 249 -4.68 -8.80 31.81
N ASN C 250 -5.91 -8.36 31.53
CA ASN C 250 -6.13 -7.49 30.37
C ASN C 250 -5.64 -6.06 30.55
N GLU C 251 -5.74 -5.55 31.78
CA GLU C 251 -5.24 -4.21 32.08
C GLU C 251 -3.73 -4.28 31.90
N LEU C 252 -3.14 -5.39 32.34
CA LEU C 252 -1.71 -5.62 32.19
C LEU C 252 -1.30 -5.64 30.73
N THR C 253 -2.11 -6.30 29.88
CA THR C 253 -1.86 -6.22 28.45
C THR C 253 -1.90 -4.78 27.95
N PHE C 254 -2.86 -4.00 28.42
CA PHE C 254 -2.92 -2.60 28.01
C PHE C 254 -1.66 -1.85 28.43
N HIS C 255 -1.18 -2.13 29.64
CA HIS C 255 0.06 -1.51 30.08
C HIS C 255 1.23 -1.86 29.20
N HIS C 256 1.42 -3.15 28.89
CA HIS C 256 2.52 -3.51 28.00
C HIS C 256 2.36 -2.91 26.61
N ILE C 257 1.14 -2.86 26.08
CA ILE C 257 0.93 -2.28 24.77
C ILE C 257 1.30 -0.79 24.76
N VAL C 258 0.87 -0.04 25.76
CA VAL C 258 1.21 1.38 25.77
C VAL C 258 2.69 1.61 26.08
N THR C 259 3.33 0.75 26.87
CA THR C 259 4.75 0.88 27.09
C THR C 259 5.51 0.69 25.79
N LEU C 260 5.14 -0.32 25.00
CA LEU C 260 5.80 -0.47 23.70
C LEU C 260 5.49 0.68 22.76
N LEU C 261 4.28 1.22 22.78
CA LEU C 261 4.02 2.37 21.93
C LEU C 261 4.90 3.54 22.31
N LEU C 262 5.05 3.81 23.61
CA LEU C 262 5.99 4.85 24.04
C LEU C 262 7.38 4.56 23.51
N ILE C 263 7.92 3.37 23.78
CA ILE C 263 9.30 3.10 23.45
C ILE C 263 9.53 3.24 21.96
N TRP C 264 8.70 2.59 21.16
CA TRP C 264 8.92 2.56 19.73
C TRP C 264 8.68 3.92 19.10
N SER C 265 7.56 4.57 19.43
CA SER C 265 7.27 5.84 18.78
C SER C 265 8.14 6.97 19.28
N SER C 266 8.87 6.79 20.37
CA SER C 266 9.82 7.82 20.76
C SER C 266 11.21 7.54 20.24
N TYR C 267 11.59 6.29 20.03
CA TYR C 267 12.86 6.01 19.40
C TYR C 267 12.83 6.29 17.90
N VAL C 268 11.75 5.91 17.22
CA VAL C 268 11.63 6.14 15.79
C VAL C 268 11.54 7.61 15.43
N PHE C 269 10.81 8.41 16.20
CA PHE C 269 10.61 9.81 15.87
C PHE C 269 11.55 10.73 16.63
N HIS C 270 12.63 10.20 17.18
CA HIS C 270 13.75 10.96 17.74
C HIS C 270 13.42 11.68 19.03
N PHE C 271 12.29 11.38 19.67
CA PHE C 271 11.93 12.02 20.93
C PHE C 271 12.45 11.20 22.10
N THR C 272 13.75 10.88 22.04
CA THR C 272 14.27 9.92 22.98
C THR C 272 14.76 10.54 24.29
N LYS C 273 15.32 11.75 24.25
CA LYS C 273 15.62 12.44 25.49
C LYS C 273 14.36 12.66 26.30
N MET C 274 13.27 13.06 25.65
CA MET C 274 12.04 13.31 26.38
C MET C 274 11.39 12.00 26.82
N GLY C 275 11.87 10.88 26.28
CA GLY C 275 11.36 9.59 26.71
C GLY C 275 12.12 8.98 27.87
N LEU C 276 13.35 9.43 28.10
CA LEU C 276 14.12 8.90 29.23
C LEU C 276 13.50 9.16 30.60
N PRO C 277 13.12 10.39 30.97
CA PRO C 277 12.57 10.60 32.32
C PRO C 277 11.33 9.78 32.60
N ILE C 278 10.49 9.56 31.60
CA ILE C 278 9.30 8.77 31.82
C ILE C 278 9.66 7.34 32.21
N TYR C 279 10.68 6.77 31.55
CA TYR C 279 11.16 5.46 31.96
C TYR C 279 11.64 5.49 33.40
N ILE C 280 12.37 6.55 33.75
CA ILE C 280 12.92 6.62 35.10
C ILE C 280 11.80 6.63 36.14
N THR C 281 10.78 7.45 35.92
CA THR C 281 9.68 7.52 36.87
C THR C 281 8.96 6.19 36.97
N MET C 282 8.67 5.58 35.82
CA MET C 282 7.94 4.31 35.83
C MET C 282 8.73 3.25 36.58
N ASP C 283 10.04 3.16 36.32
CA ASP C 283 10.85 2.16 37.00
C ASP C 283 10.90 2.38 38.50
N VAL C 284 11.26 3.58 38.95
CA VAL C 284 11.41 3.76 40.40
C VAL C 284 10.09 3.51 41.11
N SER C 285 8.97 3.98 40.54
CA SER C 285 7.68 3.70 41.13
C SER C 285 7.42 2.19 41.19
N ASP C 286 7.76 1.47 40.13
CA ASP C 286 7.54 0.03 40.13
C ASP C 286 8.47 -0.69 41.10
N PHE C 287 9.69 -0.20 41.28
CA PHE C 287 10.56 -0.81 42.28
C PHE C 287 9.98 -0.70 43.67
N LEU C 288 9.50 0.48 44.04
CA LEU C 288 8.92 0.63 45.38
C LEU C 288 7.62 -0.17 45.51
N LEU C 289 6.81 -0.19 44.45
CA LEU C 289 5.59 -0.99 44.46
C LEU C 289 5.90 -2.47 44.65
N SER C 290 6.91 -2.99 43.96
CA SER C 290 7.26 -4.39 44.08
C SER C 290 7.82 -4.72 45.46
N PHE C 291 8.65 -3.84 46.01
CA PHE C 291 9.12 -4.05 47.37
C PHE C 291 7.94 -4.15 48.35
N SER C 292 7.01 -3.21 48.26
CA SER C 292 5.89 -3.24 49.18
C SER C 292 4.97 -4.43 48.96
N LYS C 293 4.70 -4.82 47.71
CA LYS C 293 3.82 -5.96 47.49
C LYS C 293 4.45 -7.25 47.94
N THR C 294 5.77 -7.41 47.77
CA THR C 294 6.38 -8.65 48.22
C THR C 294 6.49 -8.69 49.74
N LEU C 295 6.66 -7.53 50.39
CA LEU C 295 6.55 -7.52 51.84
C LEU C 295 5.12 -7.75 52.30
N ASN C 296 4.14 -7.43 51.46
CA ASN C 296 2.76 -7.76 51.76
C ASN C 296 2.48 -9.26 51.68
N TYR C 297 2.87 -9.91 50.60
CA TYR C 297 2.71 -11.36 50.46
C TYR C 297 3.75 -12.12 51.26
N LEU C 298 4.64 -11.41 51.96
CA LEU C 298 5.54 -12.00 52.94
C LEU C 298 5.42 -11.18 54.21
N ASP C 299 4.18 -10.93 54.64
CA ASP C 299 3.84 -9.89 55.60
C ASP C 299 4.75 -9.77 56.81
N SER C 300 4.96 -8.52 57.25
CA SER C 300 5.76 -8.21 58.42
C SER C 300 5.46 -6.79 58.88
N GLY C 301 6.15 -6.33 59.92
CA GLY C 301 5.98 -4.98 60.40
C GLY C 301 6.43 -3.95 59.39
N LEU C 302 7.42 -4.31 58.57
CA LEU C 302 7.99 -3.38 57.59
C LEU C 302 7.01 -3.02 56.50
N ALA C 303 5.98 -3.83 56.30
CA ALA C 303 5.08 -3.68 55.17
C ALA C 303 4.45 -2.28 55.11
N PHE C 304 3.90 -1.82 56.23
CA PHE C 304 3.21 -0.54 56.27
C PHE C 304 4.14 0.63 55.95
N PHE C 305 5.34 0.62 56.51
CA PHE C 305 6.26 1.74 56.30
C PHE C 305 6.71 1.80 54.84
N SER C 306 7.07 0.64 54.28
CA SER C 306 7.45 0.60 52.88
C SER C 306 6.29 1.05 51.99
N PHE C 307 5.07 0.64 52.32
CA PHE C 307 3.95 1.03 51.48
C PHE C 307 3.69 2.53 51.55
N ALA C 308 3.81 3.12 52.74
CA ALA C 308 3.62 4.56 52.85
C ALA C 308 4.69 5.33 52.08
N ILE C 309 5.94 4.90 52.17
CA ILE C 309 6.97 5.49 51.34
C ILE C 309 6.65 5.31 49.86
N PHE C 310 6.11 4.15 49.49
CA PHE C 310 5.71 3.95 48.10
C PHE C 310 4.65 4.96 47.69
N VAL C 311 3.69 5.23 48.57
CA VAL C 311 2.65 6.19 48.24
C VAL C 311 3.25 7.57 48.02
N VAL C 312 4.14 7.99 48.93
CA VAL C 312 4.78 9.30 48.78
C VAL C 312 5.51 9.38 47.44
N ALA C 313 6.35 8.39 47.16
CA ALA C 313 7.15 8.42 45.95
C ALA C 313 6.29 8.28 44.71
N TRP C 314 5.20 7.52 44.77
CA TRP C 314 4.30 7.41 43.64
C TRP C 314 3.67 8.75 43.32
N ILE C 315 3.08 9.39 44.33
CA ILE C 315 2.54 10.74 44.14
C ILE C 315 3.58 11.62 43.48
N TYR C 316 4.71 11.82 44.15
CA TYR C 316 5.72 12.74 43.63
C TYR C 316 6.15 12.35 42.23
N LEU C 317 6.85 11.23 42.09
CA LEU C 317 7.40 10.85 40.80
C LEU C 317 6.32 10.82 39.75
N ARG C 318 5.41 9.85 39.83
CA ARG C 318 4.51 9.70 38.71
C ARG C 318 3.67 10.95 38.49
N HIS C 319 2.85 11.33 39.46
CA HIS C 319 1.90 12.39 39.14
C HIS C 319 2.58 13.74 38.96
N TYR C 320 3.42 14.15 39.91
CA TYR C 320 4.01 15.48 39.77
C TYR C 320 4.97 15.56 38.61
N ILE C 321 5.91 14.62 38.47
CA ILE C 321 6.85 14.70 37.37
C ILE C 321 6.17 14.56 36.02
N ASN C 322 5.25 13.62 35.84
CA ASN C 322 4.61 13.53 34.54
C ASN C 322 3.72 14.74 34.25
N LEU C 323 3.10 15.32 35.28
CA LEU C 323 2.31 16.51 35.03
C LEU C 323 3.17 17.71 34.67
N LYS C 324 4.31 17.87 35.33
CA LYS C 324 5.20 18.97 34.92
C LYS C 324 5.79 18.68 33.55
N ILE C 325 5.95 17.42 33.17
CA ILE C 325 6.40 17.11 31.83
C ILE C 325 5.34 17.50 30.81
N LEU C 326 4.07 17.30 31.14
CA LEU C 326 3.00 17.73 30.24
C LEU C 326 2.96 19.25 30.11
N TRP C 327 3.04 19.94 31.24
CA TRP C 327 3.13 21.40 31.16
C TRP C 327 4.31 21.82 30.31
N SER C 328 5.42 21.08 30.41
CA SER C 328 6.57 21.34 29.59
C SER C 328 6.26 21.12 28.12
N VAL C 329 5.53 20.05 27.80
CA VAL C 329 5.33 19.74 26.38
C VAL C 329 4.62 20.95 25.82
N LEU C 330 3.61 21.47 26.51
CA LEU C 330 2.95 22.67 26.00
C LEU C 330 3.95 23.81 25.84
N THR C 331 4.43 24.33 26.98
CA THR C 331 5.07 25.64 26.96
C THR C 331 6.44 25.62 26.30
N GLN C 332 7.21 24.55 26.49
CA GLN C 332 8.52 24.41 25.92
C GLN C 332 8.56 23.45 24.74
N PHE C 333 7.40 23.08 24.21
CA PHE C 333 7.34 22.50 22.89
C PHE C 333 7.12 23.59 21.88
N ARG C 334 6.25 24.54 22.21
CA ARG C 334 6.02 25.61 21.25
C ARG C 334 7.22 26.53 21.11
N THR C 335 7.99 26.76 22.18
CA THR C 335 9.03 27.77 22.13
C THR C 335 10.37 27.37 22.73
N GLU C 336 10.86 26.17 22.46
CA GLU C 336 12.17 25.84 23.01
C GLU C 336 13.03 25.16 21.94
N GLY C 337 13.09 25.75 20.76
CA GLY C 337 13.91 25.23 19.69
C GLY C 337 13.18 25.30 18.38
N ASN C 338 13.59 24.45 17.45
CA ASN C 338 12.96 24.42 16.13
C ASN C 338 11.50 24.02 16.27
N TYR C 339 10.62 24.81 15.66
CA TYR C 339 9.19 24.51 15.75
C TYR C 339 8.49 24.73 14.41
N VAL C 340 9.23 24.68 13.31
CA VAL C 340 8.65 24.71 11.98
C VAL C 340 8.85 23.34 11.36
N LEU C 341 7.76 22.67 11.01
CA LEU C 341 7.86 21.33 10.45
C LEU C 341 8.66 21.36 9.16
N ASN C 342 9.59 20.42 9.04
CA ASN C 342 10.46 20.30 7.87
C ASN C 342 10.67 18.83 7.60
N PHE C 343 9.92 18.27 6.65
CA PHE C 343 10.03 16.86 6.34
C PHE C 343 11.37 16.49 5.75
N ALA C 344 12.12 17.45 5.21
CA ALA C 344 13.40 17.15 4.59
C ALA C 344 14.49 16.86 5.60
N THR C 345 14.49 17.51 6.75
CA THR C 345 15.49 17.29 7.79
C THR C 345 14.93 16.49 8.94
N GLN C 346 13.77 15.87 8.74
CA GLN C 346 13.11 15.05 9.75
C GLN C 346 12.99 15.79 11.07
N GLN C 347 12.49 17.00 10.99
CA GLN C 347 12.20 17.80 12.16
C GLN C 347 10.69 17.73 12.33
N TYR C 348 10.23 16.82 13.20
CA TYR C 348 8.82 16.55 13.38
C TYR C 348 8.18 17.35 14.49
N LYS C 349 8.97 18.08 15.28
CA LYS C 349 8.43 18.89 16.36
C LYS C 349 7.72 20.07 15.74
N CYS C 350 6.40 20.03 15.74
CA CYS C 350 5.57 20.99 15.02
C CYS C 350 4.25 21.13 15.79
N TRP C 351 3.32 21.90 15.22
CA TRP C 351 2.01 22.01 15.84
C TRP C 351 1.12 20.82 15.52
N ILE C 352 1.52 19.97 14.57
CA ILE C 352 0.77 18.76 14.27
C ILE C 352 1.21 17.60 15.17
N SER C 353 2.41 17.67 15.72
CA SER C 353 2.93 16.65 16.60
C SER C 353 2.66 16.93 18.07
N LEU C 354 2.39 18.17 18.44
CA LEU C 354 2.06 18.55 19.81
C LEU C 354 0.80 17.85 20.30
N PRO C 355 -0.29 17.81 19.53
CA PRO C 355 -1.45 17.04 19.99
C PRO C 355 -1.14 15.57 20.21
N ILE C 356 -0.39 14.96 19.30
CA ILE C 356 -0.08 13.54 19.45
C ILE C 356 0.74 13.31 20.70
N VAL C 357 1.75 14.16 20.94
CA VAL C 357 2.57 14.00 22.13
C VAL C 357 1.74 14.18 23.39
N PHE C 358 0.95 15.25 23.44
CA PHE C 358 0.18 15.53 24.65
C PHE C 358 -0.83 14.44 24.93
N VAL C 359 -1.55 13.97 23.91
CA VAL C 359 -2.54 12.92 24.10
C VAL C 359 -1.87 11.63 24.54
N LEU C 360 -0.76 11.28 23.89
CA LEU C 360 -0.16 9.98 24.14
C LEU C 360 0.65 9.95 25.43
N ILE C 361 0.91 11.13 26.03
CA ILE C 361 1.42 11.13 27.40
C ILE C 361 0.28 11.26 28.40
N GLY C 362 -0.78 11.97 28.05
CA GLY C 362 -1.96 12.00 28.90
C GLY C 362 -2.57 10.63 29.06
N ALA C 363 -2.32 9.73 28.12
CA ALA C 363 -2.75 8.35 28.30
C ALA C 363 -2.11 7.77 29.57
N LEU C 364 -0.79 7.87 29.68
CA LEU C 364 -0.12 7.40 30.88
C LEU C 364 -0.61 8.17 32.09
N GLN C 365 -0.89 9.47 31.92
CA GLN C 365 -1.34 10.26 33.06
C GLN C 365 -2.67 9.75 33.60
N LEU C 366 -3.62 9.47 32.70
CA LEU C 366 -4.92 8.96 33.14
C LEU C 366 -4.79 7.58 33.76
N VAL C 367 -3.97 6.71 33.17
CA VAL C 367 -3.75 5.41 33.79
C VAL C 367 -3.18 5.56 35.19
N ASN C 368 -2.26 6.50 35.37
CA ASN C 368 -1.69 6.74 36.69
C ASN C 368 -2.75 7.26 37.64
N LEU C 369 -3.67 8.11 37.15
CA LEU C 369 -4.76 8.58 37.99
C LEU C 369 -5.64 7.44 38.47
N TYR C 370 -5.96 6.51 37.55
CA TYR C 370 -6.79 5.37 37.93
C TYR C 370 -6.10 4.50 38.98
N TRP C 371 -4.82 4.24 38.75
CA TRP C 371 -4.03 3.46 39.67
C TRP C 371 -4.02 4.14 41.03
N LEU C 372 -3.86 5.46 41.02
CA LEU C 372 -3.87 6.22 42.27
C LEU C 372 -5.21 6.10 42.98
N PHE C 373 -6.31 6.13 42.23
CA PHE C 373 -7.63 5.97 42.86
C PHE C 373 -7.70 4.65 43.60
N LEU C 374 -7.29 3.57 42.93
CA LEU C 374 -7.38 2.28 43.62
C LEU C 374 -6.35 2.16 44.75
N ILE C 375 -5.23 2.85 44.63
CA ILE C 375 -4.22 2.84 45.68
C ILE C 375 -4.81 3.54 46.90
N PHE C 376 -5.56 4.61 46.66
CA PHE C 376 -6.21 5.38 47.71
C PHE C 376 -7.19 4.44 48.41
N ARG C 377 -8.01 3.76 47.62
CA ARG C 377 -8.99 2.82 48.15
C ARG C 377 -8.31 1.81 49.08
N VAL C 378 -7.19 1.25 48.62
CA VAL C 378 -6.45 0.28 49.42
C VAL C 378 -5.98 0.91 50.72
N LEU C 379 -5.48 2.14 50.64
CA LEU C 379 -4.98 2.84 51.81
C LEU C 379 -6.09 3.03 52.84
N TYR C 380 -7.26 3.47 52.37
CA TYR C 380 -8.42 3.63 53.25
C TYR C 380 -8.78 2.33 53.95
N ARG C 381 -8.93 1.26 53.17
CA ARG C 381 -9.37 0.00 53.76
C ARG C 381 -8.35 -0.56 54.73
N ILE C 382 -7.05 -0.49 54.41
CA ILE C 382 -6.05 -0.98 55.36
C ILE C 382 -5.96 -0.06 56.58
N LEU C 383 -6.24 1.23 56.41
CA LEU C 383 -6.30 2.13 57.55
C LEU C 383 -7.42 1.77 58.50
N TRP C 384 -8.58 1.37 57.97
CA TRP C 384 -9.69 0.97 58.80
C TRP C 384 -9.74 -0.54 59.04
N ARG C 385 -8.57 -1.18 59.08
CA ARG C 385 -8.48 -2.61 59.38
C ARG C 385 -7.24 -2.89 60.24
N PRO D 18 -1.70 -23.01 25.20
CA PRO D 18 -0.58 -22.69 24.31
C PRO D 18 -1.02 -22.34 22.90
N LYS D 19 -0.89 -21.06 22.53
CA LYS D 19 -1.31 -20.60 21.20
C LYS D 19 -0.17 -19.81 20.56
N ILE D 20 0.28 -20.30 19.42
CA ILE D 20 1.39 -19.71 18.68
C ILE D 20 0.91 -18.83 17.54
N PHE D 21 -0.13 -19.28 16.82
CA PHE D 21 -0.58 -18.49 15.68
C PHE D 21 -1.07 -17.11 16.11
N ASN D 22 -1.62 -16.99 17.31
CA ASN D 22 -1.97 -15.68 17.82
C ASN D 22 -0.72 -14.83 18.00
N LEU D 23 0.36 -15.45 18.47
CA LEU D 23 1.63 -14.75 18.63
C LEU D 23 2.15 -14.24 17.29
N PHE D 24 2.13 -15.08 16.25
CA PHE D 24 2.55 -14.57 14.95
C PHE D 24 1.60 -13.55 14.36
N ARG D 25 0.32 -13.61 14.74
CA ARG D 25 -0.66 -12.64 14.27
C ARG D 25 -0.35 -11.25 14.82
N VAL D 26 -0.03 -11.18 16.12
CA VAL D 26 0.31 -9.91 16.77
C VAL D 26 1.71 -9.45 16.38
N CYS D 27 2.67 -10.37 16.27
CA CYS D 27 4.01 -10.01 15.85
C CYS D 27 4.07 -9.53 14.41
N PHE D 28 3.33 -10.17 13.50
CA PHE D 28 3.28 -9.72 12.12
C PHE D 28 2.65 -8.34 12.01
N ILE D 29 1.58 -8.10 12.77
CA ILE D 29 0.95 -6.79 12.75
C ILE D 29 1.91 -5.72 13.27
N SER D 30 2.59 -6.01 14.39
CA SER D 30 3.52 -5.04 14.95
C SER D 30 4.68 -4.78 14.00
N LEU D 31 5.23 -5.83 13.41
CA LEU D 31 6.36 -5.68 12.50
C LEU D 31 5.95 -4.91 11.25
N LEU D 32 4.76 -5.19 10.73
CA LEU D 32 4.28 -4.45 9.57
C LEU D 32 4.06 -2.99 9.91
N LEU D 33 3.59 -2.69 11.12
CA LEU D 33 3.43 -1.28 11.51
C LEU D 33 4.78 -0.59 11.64
N ILE D 34 5.77 -1.31 12.16
CA ILE D 34 7.13 -0.77 12.23
C ILE D 34 7.63 -0.43 10.84
N ALA D 35 7.44 -1.34 9.90
CA ALA D 35 7.85 -1.11 8.52
C ALA D 35 7.01 -0.05 7.82
N ALA D 36 5.77 0.16 8.25
CA ALA D 36 4.94 1.20 7.66
C ALA D 36 5.40 2.58 8.09
N VAL D 37 5.71 2.76 9.37
CA VAL D 37 6.21 4.05 9.83
C VAL D 37 7.59 4.36 9.28
N GLU D 38 8.41 3.33 9.13
CA GLU D 38 9.75 3.49 8.58
C GLU D 38 9.64 4.00 7.15
N TYR D 39 8.72 3.44 6.38
CA TYR D 39 8.51 3.89 5.01
C TYR D 39 7.83 5.24 4.95
N PHE D 40 6.98 5.55 5.93
CA PHE D 40 6.39 6.88 5.97
C PHE D 40 7.46 7.94 6.12
N LYS D 41 8.38 7.74 7.07
CA LYS D 41 9.46 8.70 7.26
C LYS D 41 10.30 8.81 5.99
N TYR D 42 10.68 7.68 5.40
CA TYR D 42 11.47 7.72 4.19
C TYR D 42 10.75 8.37 3.03
N GLY D 43 9.48 8.07 2.83
CA GLY D 43 8.74 8.63 1.72
C GLY D 43 8.54 10.12 1.87
N THR D 44 8.17 10.58 3.06
CA THR D 44 8.05 12.01 3.27
C THR D 44 9.40 12.72 3.27
N ARG D 45 10.50 11.99 3.40
CA ARG D 45 11.79 12.66 3.30
C ARG D 45 12.32 12.75 1.87
N ILE D 46 12.19 11.69 1.07
CA ILE D 46 12.68 11.78 -0.30
C ILE D 46 11.85 12.70 -1.17
N ASN D 47 10.53 12.71 -1.02
CA ASN D 47 9.68 13.64 -1.74
C ASN D 47 8.89 14.46 -0.73
N TYR D 48 9.55 15.49 -0.20
CA TYR D 48 8.98 16.36 0.80
C TYR D 48 8.31 17.58 0.20
N GLU D 49 8.74 18.01 -0.98
CA GLU D 49 8.21 19.21 -1.59
C GLU D 49 6.72 19.10 -1.88
N TRP D 50 6.17 17.89 -1.89
CA TRP D 50 4.73 17.77 -2.02
C TRP D 50 4.01 18.40 -0.84
N PHE D 51 4.54 18.19 0.36
CA PHE D 51 3.90 18.73 1.56
C PHE D 51 4.15 20.21 1.73
N HIS D 52 5.34 20.68 1.42
CA HIS D 52 5.70 22.05 1.72
C HIS D 52 5.42 23.01 0.57
N CYS D 53 5.76 22.63 -0.65
CA CYS D 53 5.68 23.52 -1.80
C CYS D 53 4.40 23.28 -2.58
N THR D 54 3.76 24.37 -3.00
CA THR D 54 2.58 24.28 -3.85
C THR D 54 2.86 24.99 -5.16
N PRO D 55 2.76 24.33 -6.31
CA PRO D 55 3.09 24.97 -7.58
C PRO D 55 2.07 26.04 -7.93
N ILE D 56 2.55 27.19 -8.37
CA ILE D 56 1.72 28.30 -8.80
C ILE D 56 1.97 28.54 -10.27
N LYS D 57 1.01 28.18 -11.11
CA LYS D 57 1.15 28.30 -12.55
C LYS D 57 0.30 29.45 -13.05
N GLU D 58 0.91 30.37 -13.79
CA GLU D 58 0.22 31.54 -14.28
C GLU D 58 0.36 31.57 -15.79
N PRO D 59 -0.66 31.13 -16.55
CA PRO D 59 -0.47 30.94 -17.99
C PRO D 59 -0.19 32.25 -18.73
N GLN D 60 0.69 32.16 -19.72
CA GLN D 60 0.91 33.24 -20.67
C GLN D 60 -0.04 33.04 -21.85
N SER D 61 0.24 33.73 -22.96
CA SER D 61 -0.60 33.63 -24.14
C SER D 61 -0.28 32.33 -24.88
N GLY D 62 -1.17 31.36 -24.79
CA GLY D 62 -1.03 30.13 -25.55
C GLY D 62 -0.88 28.90 -24.68
N SER D 63 -0.07 27.95 -25.13
CA SER D 63 0.27 26.77 -24.34
C SER D 63 1.44 27.03 -23.41
N VAL D 64 1.96 28.25 -23.40
CA VAL D 64 3.07 28.64 -22.55
C VAL D 64 2.52 29.08 -21.20
N ILE D 65 3.09 28.57 -20.13
CA ILE D 65 2.73 28.97 -18.78
C ILE D 65 3.99 29.32 -18.02
N LYS D 66 3.83 29.94 -16.86
CA LYS D 66 4.95 30.26 -15.99
C LYS D 66 4.77 29.51 -14.68
N LEU D 67 5.83 28.88 -14.20
CA LEU D 67 5.77 28.08 -12.99
C LEU D 67 6.67 28.66 -11.90
N TRP D 68 6.27 28.45 -10.66
CA TRP D 68 7.12 28.62 -9.50
C TRP D 68 6.48 27.88 -8.34
N ALA D 69 7.10 27.99 -7.17
CA ALA D 69 6.59 27.33 -5.98
C ALA D 69 6.48 28.35 -4.86
N ARG D 70 5.49 28.17 -3.99
CA ARG D 70 5.28 29.06 -2.87
C ARG D 70 4.97 28.26 -1.61
N GLY D 71 5.87 28.30 -0.64
CA GLY D 71 5.68 27.55 0.58
C GLY D 71 6.31 28.27 1.75
N GLY D 72 6.55 27.51 2.81
CA GLY D 72 7.15 28.07 4.00
C GLY D 72 8.66 28.04 3.92
N PRO D 73 9.33 28.16 5.07
CA PRO D 73 10.79 28.05 5.06
C PRO D 73 11.28 26.69 4.66
N SER D 74 10.41 25.69 4.65
CA SER D 74 10.76 24.35 4.24
C SER D 74 10.85 24.20 2.74
N CYS D 75 10.29 25.14 1.98
CA CYS D 75 10.36 25.14 0.52
C CYS D 75 11.61 25.92 0.11
N ASP D 76 12.75 25.28 0.28
CA ASP D 76 14.02 25.84 -0.15
C ASP D 76 14.18 25.70 -1.65
N LYS D 77 15.31 26.15 -2.17
CA LYS D 77 15.50 26.15 -3.63
C LYS D 77 15.43 24.75 -4.21
N ARG D 78 15.85 23.74 -3.45
CA ARG D 78 15.74 22.37 -3.95
C ARG D 78 14.29 21.96 -4.10
N GLY D 79 13.45 22.33 -3.14
CA GLY D 79 12.04 22.00 -3.25
C GLY D 79 11.37 22.70 -4.40
N GLU D 80 11.71 23.98 -4.62
CA GLU D 80 11.18 24.70 -5.75
C GLU D 80 11.59 24.05 -7.06
N TYR D 81 12.87 23.71 -7.19
CA TYR D 81 13.34 23.07 -8.41
C TYR D 81 12.64 21.73 -8.64
N LYS D 82 12.52 20.92 -7.60
CA LYS D 82 11.87 19.62 -7.76
C LYS D 82 10.42 19.77 -8.18
N THR D 83 9.69 20.69 -7.56
CA THR D 83 8.28 20.81 -7.89
C THR D 83 8.08 21.40 -9.28
N ILE D 84 8.96 22.32 -9.69
CA ILE D 84 8.87 22.86 -11.03
C ILE D 84 9.14 21.77 -12.07
N VAL D 85 10.19 20.98 -11.87
CA VAL D 85 10.49 19.91 -12.80
C VAL D 85 9.35 18.91 -12.85
N LYS D 86 8.76 18.60 -11.71
CA LYS D 86 7.65 17.66 -11.70
C LYS D 86 6.49 18.19 -12.52
N ARG D 87 6.15 19.47 -12.35
CA ARG D 87 5.06 20.03 -13.13
C ARG D 87 5.38 20.01 -14.61
N ILE D 88 6.61 20.35 -14.98
CA ILE D 88 6.99 20.41 -16.39
C ILE D 88 6.90 19.03 -17.03
N THR D 89 7.42 18.02 -16.36
CA THR D 89 7.44 16.69 -16.97
C THR D 89 6.16 15.90 -16.71
N ARG D 90 5.19 16.46 -16.00
CA ARG D 90 3.97 15.72 -15.73
C ARG D 90 2.72 16.35 -16.33
N ASP D 91 2.71 17.66 -16.58
CA ASP D 91 1.57 18.30 -17.20
C ASP D 91 1.68 18.41 -18.71
N TYR D 92 2.81 18.03 -19.29
CA TYR D 92 3.05 18.15 -20.72
C TYR D 92 3.47 16.82 -21.28
N GLU D 93 2.85 16.42 -22.39
CA GLU D 93 3.13 15.12 -22.98
C GLU D 93 4.01 15.29 -24.19
N PRO D 94 5.28 14.87 -24.14
CA PRO D 94 6.17 15.03 -25.28
C PRO D 94 5.99 13.99 -26.37
N ASN D 95 5.18 12.96 -26.14
CA ASN D 95 4.84 12.01 -27.20
C ASN D 95 3.72 12.52 -28.10
N ASP D 96 3.01 13.56 -27.68
CA ASP D 96 2.01 14.19 -28.53
C ASP D 96 2.68 15.22 -29.42
N GLU D 97 3.37 16.17 -28.81
CA GLU D 97 4.32 17.02 -29.52
C GLU D 97 5.41 17.48 -28.55
N HIS D 98 6.52 17.90 -29.12
CA HIS D 98 7.72 18.14 -28.34
C HIS D 98 7.65 19.50 -27.67
N LEU D 99 7.93 19.52 -26.38
CA LEU D 99 7.91 20.77 -25.63
C LEU D 99 9.32 21.31 -25.44
N SER D 100 9.38 22.51 -24.88
CA SER D 100 10.65 23.17 -24.62
C SER D 100 10.45 24.13 -23.47
N PHE D 101 11.32 24.07 -22.46
CA PHE D 101 11.19 24.88 -21.26
C PHE D 101 12.51 25.56 -20.95
N CYS D 102 12.51 26.33 -19.87
CA CYS D 102 13.70 26.96 -19.34
C CYS D 102 13.49 27.19 -17.86
N ILE D 103 14.58 27.20 -17.09
CA ILE D 103 14.49 27.42 -15.65
C ILE D 103 15.45 28.54 -15.28
N ILE D 104 14.94 29.53 -14.56
CA ILE D 104 15.68 30.75 -14.24
C ILE D 104 15.84 30.83 -12.73
N GLU D 105 17.07 30.99 -12.27
CA GLU D 105 17.36 31.08 -10.85
C GLU D 105 17.30 32.53 -10.40
N ASN D 106 16.96 32.74 -9.14
CA ASN D 106 16.98 34.06 -8.53
C ASN D 106 18.23 34.16 -7.65
N ASP D 107 19.23 34.89 -8.12
CA ASP D 107 20.51 34.90 -7.44
C ASP D 107 20.53 35.80 -6.21
N ASN D 108 19.59 36.75 -6.11
CA ASN D 108 19.60 37.64 -4.95
C ASN D 108 18.79 37.05 -3.81
N VAL D 109 19.01 35.78 -3.52
CA VAL D 109 18.19 34.98 -2.62
C VAL D 109 19.00 33.80 -2.08
N PRO D 110 19.04 33.60 -0.77
CA PRO D 110 19.72 32.43 -0.21
C PRO D 110 18.87 31.18 -0.41
N PRO D 111 19.44 29.99 -0.20
CA PRO D 111 18.68 28.76 -0.45
C PRO D 111 17.41 28.62 0.37
N VAL D 112 17.36 29.09 1.61
CA VAL D 112 16.14 29.07 2.41
C VAL D 112 15.68 30.52 2.54
N HIS D 113 14.53 30.83 1.94
CA HIS D 113 14.21 32.24 1.73
C HIS D 113 12.73 32.57 1.87
N TYR D 114 11.92 31.69 2.42
CA TYR D 114 10.53 32.03 2.62
C TYR D 114 10.20 32.29 4.08
N PRO D 115 9.70 33.47 4.41
CA PRO D 115 9.09 33.67 5.72
C PRO D 115 7.89 32.75 5.88
N ILE D 116 7.59 32.44 7.13
CA ILE D 116 6.49 31.51 7.43
C ILE D 116 5.15 32.04 6.97
N HIS D 117 4.86 33.32 7.19
CA HIS D 117 3.47 33.73 7.31
C HIS D 117 2.70 33.99 6.03
N GLU D 118 2.92 35.10 5.33
CA GLU D 118 2.04 35.38 4.22
C GLU D 118 2.67 36.09 3.02
N ASP D 119 3.82 36.75 3.16
CA ASP D 119 4.41 37.49 2.05
C ASP D 119 5.79 36.89 1.71
N LYS D 120 5.75 35.80 0.94
CA LYS D 120 6.93 34.98 0.76
C LYS D 120 8.02 35.72 0.00
N GLY D 121 7.66 36.56 -0.94
CA GLY D 121 8.63 37.30 -1.71
C GLY D 121 8.92 36.68 -3.06
N GLU D 122 10.01 37.12 -3.65
CA GLU D 122 10.34 36.70 -5.00
C GLU D 122 10.88 35.27 -4.97
N PRO D 123 10.32 34.37 -5.78
CA PRO D 123 10.70 32.96 -5.69
C PRO D 123 12.09 32.65 -6.21
N GLY D 124 12.66 31.58 -5.66
CA GLY D 124 14.03 31.23 -5.99
C GLY D 124 14.19 30.76 -7.42
N TYR D 125 13.26 29.94 -7.91
CA TYR D 125 13.30 29.41 -9.26
C TYR D 125 12.00 29.72 -9.97
N VAL D 126 12.10 30.13 -11.24
CA VAL D 126 10.96 30.42 -12.08
C VAL D 126 11.21 29.78 -13.44
N ALA D 127 10.21 29.09 -13.96
CA ALA D 127 10.35 28.35 -15.21
C ALA D 127 9.25 28.71 -16.20
N TYR D 128 9.60 28.71 -17.48
CA TYR D 128 8.67 28.93 -18.59
C TYR D 128 8.62 27.64 -19.39
N VAL D 129 7.43 27.14 -19.64
CA VAL D 129 7.26 25.91 -20.39
C VAL D 129 6.26 26.15 -21.51
N GLY D 130 6.32 25.31 -22.55
CA GLY D 130 5.37 25.41 -23.64
C GLY D 130 5.42 24.23 -24.58
N TYR D 131 5.05 24.45 -25.84
CA TYR D 131 5.21 23.45 -26.90
C TYR D 131 6.01 24.07 -28.05
N ASP D 132 6.11 23.35 -29.15
CA ASP D 132 6.85 23.82 -30.31
C ASP D 132 5.99 24.57 -31.30
N THR D 133 4.66 24.45 -31.22
CA THR D 133 3.77 25.30 -31.99
C THR D 133 3.88 26.76 -31.57
N ASP D 134 4.43 27.01 -30.39
CA ASP D 134 4.66 28.34 -29.85
C ASP D 134 6.02 28.41 -29.17
N SER D 135 7.03 27.84 -29.82
CA SER D 135 8.37 27.81 -29.26
C SER D 135 9.02 29.18 -29.27
N GLU D 136 8.73 29.96 -30.29
CA GLU D 136 9.28 31.31 -30.43
C GLU D 136 8.96 32.13 -29.19
N LEU D 137 7.73 32.00 -28.71
CA LEU D 137 7.32 32.73 -27.51
C LEU D 137 8.16 32.35 -26.31
N VAL D 138 8.39 31.05 -26.11
CA VAL D 138 9.20 30.61 -24.98
C VAL D 138 10.62 31.15 -25.12
N GLN D 139 11.14 31.16 -26.35
CA GLN D 139 12.45 31.77 -26.58
C GLN D 139 12.44 33.25 -26.21
N GLU D 140 11.32 33.93 -26.43
CA GLU D 140 11.24 35.34 -26.08
C GLU D 140 11.20 35.55 -24.57
N LEU D 141 10.39 34.78 -23.86
CA LEU D 141 10.32 34.96 -22.41
C LEU D 141 11.63 34.55 -21.74
N CYS D 142 12.15 33.37 -22.06
CA CYS D 142 13.46 32.97 -21.56
C CYS D 142 14.48 33.75 -22.36
N ALA D 143 14.77 34.97 -21.90
CA ALA D 143 15.57 35.89 -22.68
C ALA D 143 16.95 35.33 -22.99
N ASP D 144 17.66 34.89 -21.96
CA ASP D 144 19.00 34.37 -22.14
C ASP D 144 19.16 32.98 -21.58
N SER D 145 18.31 32.57 -20.64
CA SER D 145 18.40 31.26 -20.04
C SER D 145 18.34 30.17 -21.11
N THR D 146 19.18 29.14 -20.93
CA THR D 146 19.24 28.07 -21.90
C THR D 146 17.89 27.36 -21.99
N ILE D 147 17.47 27.08 -23.22
CA ILE D 147 16.22 26.39 -23.49
C ILE D 147 16.50 24.89 -23.51
N TYR D 148 15.69 24.13 -22.79
CA TYR D 148 15.78 22.68 -22.78
C TYR D 148 14.64 22.10 -23.59
N HIS D 149 14.91 21.02 -24.30
CA HIS D 149 13.90 20.33 -25.10
C HIS D 149 13.61 18.96 -24.50
N MET D 150 12.45 18.43 -24.84
CA MET D 150 12.03 17.14 -24.31
C MET D 150 11.25 16.37 -25.36
C31 6PL E . -26.73 9.85 -25.64
C32 6PL E . -27.41 8.81 -24.70
C33 6PL E . -27.34 7.40 -25.36
C34 6PL E . -26.61 6.41 -24.41
C35 6PL E . -26.93 4.96 -24.83
C36 6PL E . -26.56 3.98 -23.67
C37 6PL E . -27.33 2.65 -23.88
C38 6PL E . -27.19 1.76 -22.61
C39 6PL E . -27.80 0.37 -22.87
C40 6PL E . -26.97 -0.74 -22.16
C41 6PL E . -27.42 -2.14 -22.65
C42 6PL E . -26.16 -3.01 -22.89
C43 6PL E . -26.53 -4.27 -23.70
C44 6PL E . -25.26 -4.85 -24.36
C45 6PL E . -25.48 -6.32 -24.74
C46 6PL E . -25.14 -7.22 -23.54
C47 6PL E . -26.23 -8.30 -23.41
C48 6PL E . -25.84 -9.31 -22.34
C31 6PL F . 4.65 -5.90 -15.59
C32 6PL F . 4.38 -4.83 -16.67
C33 6PL F . 4.24 -5.51 -18.06
C34 6PL F . 2.79 -5.30 -18.56
C35 6PL F . 1.84 -6.12 -17.66
C36 6PL F . 0.37 -5.94 -18.12
C37 6PL F . 0.27 -6.36 -19.62
C38 6PL F . -1.23 -6.60 -19.97
C39 6PL F . -1.68 -7.94 -19.33
C40 6PL F . -2.71 -8.61 -20.27
C41 6PL F . -4.14 -8.20 -19.84
C42 6PL F . -5.15 -9.20 -20.46
C43 6PL F . -4.87 -9.30 -21.98
C44 6PL F . -5.65 -10.49 -22.54
C45 6PL F . -7.14 -10.12 -22.62
C46 6PL F . -7.98 -11.34 -22.98
C47 6PL F . -9.15 -10.91 -23.87
C48 6PL F . -10.42 -11.71 -23.50
C26 6PL G . 0.86 -7.25 -14.21
C25 6PL G . -0.11 -6.16 -13.74
C24 6PL G . -0.17 -6.16 -12.22
C23 6PL G . -1.34 -5.28 -11.74
C22 6PL G . -1.50 -5.41 -10.21
C21 6PL G . -0.28 -4.80 -9.51
C20 6PL G . -0.74 -3.95 -8.31
C19 6PL G . 0.46 -3.12 -7.80
C18 6PL G . -0.04 -2.03 -6.84
C17 6PL G . 1.01 -0.90 -6.78
C16 6PL G . 1.39 -0.48 -8.20
C15 6PL G . 2.88 -0.09 -8.23
C14 6PL G . 3.00 1.44 -8.08
C13 6PL G . 3.74 1.99 -9.31
C12 6PL G . 5.16 1.35 -9.33
C11 6PL G . 6.19 2.50 -9.19
O11 6PL G . 5.79 3.62 -9.23
O3 6PL G . 7.59 2.20 -9.01
C3 6PL G . 8.50 3.24 -9.32
C2 6PL G . 8.50 4.25 -8.16
C1 6PL G . 9.78 5.06 -8.17
O3P 6PL G . 9.42 6.38 -7.80
P 6PL G . 10.56 7.34 -7.08
O1P 6PL G . 11.14 6.62 -5.88
O2P 6PL G . 11.66 7.60 -8.08
O4P 6PL G . 9.83 8.75 -6.61
O2 6PL G . 8.37 3.58 -6.97
C31 6PL G . 7.72 4.34 -5.97
O31 6PL G . 8.36 4.88 -5.14
C32 6PL G . 6.18 4.48 -5.96
C33 6PL G . 5.70 4.46 -4.48
C34 6PL G . 6.05 3.10 -3.82
C35 6PL G . 5.57 1.95 -4.74
C36 6PL G . 5.12 0.73 -3.89
C37 6PL G . 3.58 0.54 -4.06
C38 6PL G . 2.85 1.49 -3.05
C39 6PL G . 1.44 1.84 -3.59
C40 6PL G . 0.39 0.79 -3.11
C41 6PL G . -1.04 1.38 -3.32
C42 6PL G . -2.08 0.22 -3.36
C31 6PL H . -7.68 5.51 -17.67
C32 6PL H . -8.18 4.04 -17.66
C33 6PL H . -9.10 3.82 -16.42
C34 6PL H . -10.09 2.65 -16.71
C35 6PL H . -11.02 2.45 -15.48
C36 6PL H . -12.37 1.87 -15.95
C37 6PL H . -12.72 0.61 -15.12
C38 6PL H . -13.92 -0.13 -15.80
C39 6PL H . -13.86 -1.65 -15.45
C40 6PL H . -15.12 -2.35 -16.00
C41 6PL H . -15.00 -3.88 -15.78
C42 6PL H . -15.52 -4.28 -14.37
C43 6PL H . -15.56 -5.81 -14.23
C44 6PL H . -15.40 -6.21 -12.75
C45 6PL H . -14.30 -7.28 -12.61
C46 6PL H . -13.64 -7.18 -11.23
C47 6PL H . -12.32 -7.97 -11.20
C48 6PL H . -12.62 -9.46 -11.07
C31 6PL I . 31.63 -3.60 21.34
C32 6PL I . 30.65 -4.67 21.87
C33 6PL I . 29.90 -4.14 23.12
C34 6PL I . 28.36 -4.17 22.87
C35 6PL I . 27.62 -4.08 24.22
C36 6PL I . 26.14 -4.52 24.04
C37 6PL I . 25.56 -4.91 25.43
C38 6PL I . 24.18 -5.61 25.25
C39 6PL I . 23.52 -5.83 26.63
C40 6PL I . 21.98 -5.63 26.53
C41 6PL I . 21.37 -5.58 27.95
C42 6PL I . 20.32 -4.45 28.01
C43 6PL I . 19.94 -4.13 29.47
C44 6PL I . 19.33 -2.72 29.56
C45 6PL I . 18.51 -2.58 30.85
C46 6PL I . 17.08 -3.09 30.62
C47 6PL I . 16.65 -3.94 31.82
C48 6PL I . 15.17 -4.29 31.70
C31 6PL J . 1.70 14.01 10.01
C32 6PL J . 3.17 14.48 10.04
C33 6PL J . 3.44 15.32 11.32
C34 6PL J . 4.46 14.54 12.21
C35 6PL J . 3.76 13.26 12.75
C36 6PL J . 4.75 12.47 13.64
C37 6PL J . 5.24 13.39 14.79
C38 6PL J . 5.85 12.51 15.91
C39 6PL J . 4.71 11.80 16.67
C40 6PL J . 5.11 11.68 18.16
C41 6PL J . 5.79 10.30 18.40
C42 6PL J . 5.78 10.00 19.92
C43 6PL J . 6.36 11.21 20.67
C44 6PL J . 6.08 11.04 22.16
C45 6PL J . 7.02 9.95 22.73
C46 6PL J . 6.62 9.61 24.17
C47 6PL J . 7.89 9.30 24.97
C48 6PL J . 7.62 8.14 25.94
C26 6PL K . 1.54 10.31 12.10
C25 6PL K . 2.51 9.23 11.63
C24 6PL K . 1.74 8.17 10.83
C23 6PL K . 2.65 6.95 10.59
C22 6PL K . 1.83 5.83 9.92
C21 6PL K . 1.42 6.26 8.51
C20 6PL K . 1.63 5.09 7.53
C19 6PL K . 1.50 5.62 6.08
C18 6PL K . 2.03 4.57 5.09
C17 6PL K . 2.41 5.26 3.78
C16 6PL K . 3.30 6.46 4.09
C15 6PL K . 3.00 7.60 3.08
C14 6PL K . 4.03 7.52 1.92
C13 6PL K . 4.77 8.87 1.85
C12 6PL K . 3.71 9.97 1.55
C11 6PL K . 4.08 10.60 0.18
O11 6PL K . 5.11 10.29 -0.32
O3 6PL K . 3.19 11.55 -0.44
C3 6PL K . 3.76 12.40 -1.42
C2 6PL K . 3.92 11.59 -2.73
C1 6PL K . 4.00 12.53 -3.92
O3P 6PL K . 4.95 11.96 -4.80
P 6PL K . 4.83 12.30 -6.42
O1P 6PL K . 3.43 11.98 -6.89
O2P 6PL K . 5.09 13.78 -6.60
O4P 6PL K . 5.95 11.39 -7.23
O2 6PL K . 2.85 10.73 -2.87
C31 6PL K . 3.17 9.56 -3.58
O31 6PL K . 2.89 9.47 -4.73
C32 6PL K . 3.90 8.39 -2.89
C33 6PL K . 3.33 7.05 -3.44
C34 6PL K . 1.82 6.93 -3.08
C35 6PL K . 1.62 7.23 -1.57
C36 6PL K . 0.46 6.38 -1.00
C37 6PL K . 1.04 5.35 0.01
C38 6PL K . 1.52 4.09 -0.78
C39 6PL K . 2.64 3.37 0.00
C40 6PL K . 2.04 2.31 0.97
C41 6PL K . 3.18 1.36 1.46
C42 6PL K . 2.76 0.65 2.76
C31 6PL L . 16.42 5.65 10.01
C32 6PL L . 15.52 5.31 11.23
C33 6PL L . 15.10 3.83 11.17
C34 6PL L . 14.76 3.32 12.60
C35 6PL L . 14.36 1.82 12.54
C36 6PL L . 14.73 1.14 13.88
C37 6PL L . 13.50 0.38 14.44
C38 6PL L . 13.78 -0.05 15.92
C39 6PL L . 12.44 -0.16 16.69
C40 6PL L . 12.71 -0.73 18.10
C41 6PL L . 11.40 -0.71 18.93
C42 6PL L . 10.59 -2.02 18.69
C43 6PL L . 9.38 -2.07 19.65
C44 6PL L . 8.25 -2.91 19.03
C45 6PL L . 6.92 -2.13 19.07
C46 6PL L . 6.02 -2.56 17.91
C47 6PL L . 4.88 -1.54 17.74
C48 6PL L . 3.80 -1.79 18.81
#